data_2IUV
#
_entry.id   2IUV
#
_cell.length_a   89.838
_cell.length_b   96.296
_cell.length_c   118.899
_cell.angle_alpha   90.00
_cell.angle_beta   90.00
_cell.angle_gamma   90.00
#
_symmetry.space_group_name_H-M   'P 21 21 21'
#
loop_
_entity.id
_entity.type
_entity.pdbx_description
1 polymer 'AROMATIC AMINE DEHYDROGENASE ALPHA SUBUNIT'
2 polymer 'AROMATIC AMINE DEHYDROGENASE BETA SUBUNIT'
3 water water
#
loop_
_entity_poly.entity_id
_entity_poly.type
_entity_poly.pdbx_seq_one_letter_code
_entity_poly.pdbx_strand_id
1 'polypeptide(L)'
;REVLTGGHSVSAPQENRIYVMDSVFMHLTESRVHVYDYTNGKFLGMVPTAFNGHVQVSNDGKKIYTMTTYHERITRGKRS
DVVEVWDADKLTFEKEISLPPKRVQGLNYDGLFRQTTDGKFIVLQNASPATSIGIVDVAKGDYVEDVTAAAGCWSVIPQP
NRPRSFMTICGDGGLLTINLGEDGKVASQSRSKQMFSVKDDPIFIAPALDKDKAHFVSYYGNVYSADFSGDEVKVDGPWS
LLNDEDKAKNWVPGGYNLVGLHRASGRMYVFMHPDGKEGTHKFPAAEIWVMDTKTKQRVARIPGRDALSMTIDQQRNLML
TLDGGNVNVYDISQPEPKLLRTIEGAAEASLQVQFHPVGGT
;
A,B
2 'polypeptide(L)'
;AGGGGSSSGADHISLNPDLANEDEVNSCDYWRHCAVDGFLCSCCGGTTTTCPPGSTPSPIS(TQQ)IGTCHNPHDGKDYL
ISYHDCCGKTACGRCQCNTQTRERPGYEFFLHNDVNWCMANENSTFHCTTSVLVGLAKN
;
D,H
#
# COMPACT_ATOMS: atom_id res chain seq x y z
N ARG A 1 32.92 17.89 -4.22
CA ARG A 1 32.01 17.53 -5.35
C ARG A 1 31.73 16.03 -5.34
N GLU A 2 30.46 15.67 -5.26
CA GLU A 2 30.06 14.29 -5.00
C GLU A 2 29.36 13.66 -6.18
N VAL A 3 29.31 12.33 -6.16
CA VAL A 3 28.71 11.55 -7.22
C VAL A 3 27.84 10.48 -6.58
N LEU A 4 26.60 10.38 -7.03
CA LEU A 4 25.69 9.35 -6.56
C LEU A 4 25.95 8.05 -7.27
N THR A 5 26.18 6.98 -6.51
CA THR A 5 26.41 5.66 -7.10
C THR A 5 25.38 4.63 -6.64
N GLY A 6 25.14 3.64 -7.50
CA GLY A 6 24.42 2.44 -7.13
C GLY A 6 25.32 1.22 -7.21
N GLY A 7 24.72 0.04 -7.26
CA GLY A 7 25.46 -1.21 -7.36
C GLY A 7 26.06 -1.66 -6.04
N HIS A 8 25.60 -1.09 -4.92
CA HIS A 8 26.19 -1.37 -3.61
C HIS A 8 25.61 -2.63 -2.98
N SER A 9 26.36 -3.21 -2.06
CA SER A 9 25.92 -4.37 -1.31
C SER A 9 25.43 -3.99 0.07
N VAL A 10 24.69 -4.91 0.68
CA VAL A 10 24.20 -4.75 2.03
C VAL A 10 25.39 -4.47 2.94
N SER A 11 25.24 -3.48 3.80
CA SER A 11 26.39 -2.88 4.47
C SER A 11 26.85 -3.65 5.71
N ALA A 12 25.99 -4.52 6.24
CA ALA A 12 26.30 -5.34 7.43
C ALA A 12 26.60 -6.76 6.97
N PRO A 13 27.42 -7.51 7.73
CA PRO A 13 27.69 -8.91 7.37
C PRO A 13 26.44 -9.80 7.42
N GLN A 14 26.44 -10.87 6.63
CA GLN A 14 25.28 -11.79 6.56
C GLN A 14 24.80 -12.24 7.94
N GLU A 15 25.75 -12.51 8.85
CA GLU A 15 25.42 -13.03 10.19
C GLU A 15 24.59 -12.07 11.05
N ASN A 16 24.52 -10.80 10.63
CA ASN A 16 23.77 -9.79 11.35
C ASN A 16 22.35 -9.60 10.82
N ARG A 17 22.03 -10.25 9.71
CA ARG A 17 20.82 -9.89 8.94
C ARG A 17 19.61 -10.71 9.31
N ILE A 18 18.46 -10.04 9.36
CA ILE A 18 17.16 -10.71 9.56
C ILE A 18 16.23 -10.18 8.49
N TYR A 19 15.18 -10.94 8.22
CA TYR A 19 14.27 -10.68 7.12
C TYR A 19 12.87 -10.62 7.65
N VAL A 20 12.28 -9.43 7.58
CA VAL A 20 10.93 -9.18 8.07
C VAL A 20 9.98 -9.13 6.87
N MET A 21 9.12 -10.12 6.77
CA MET A 21 8.21 -10.25 5.61
C MET A 21 6.99 -9.35 5.90
N ASP A 22 6.94 -8.18 5.25
CA ASP A 22 5.87 -7.24 5.49
C ASP A 22 4.78 -7.46 4.44
N SER A 23 3.65 -8.01 4.89
CA SER A 23 2.55 -8.24 3.98
C SER A 23 1.94 -6.94 3.48
N VAL A 24 2.05 -5.89 4.29
CA VAL A 24 1.37 -4.62 3.99
C VAL A 24 -0.08 -4.90 3.62
N PHE A 25 -0.81 -5.57 4.50
CA PHE A 25 -2.17 -6.06 4.21
C PHE A 25 -3.10 -4.93 3.77
N MET A 26 -2.90 -3.71 4.27
CA MET A 26 -3.74 -2.58 3.84
C MET A 26 -3.53 -2.22 2.38
N HIS A 27 -2.38 -2.61 1.84
CA HIS A 27 -2.00 -2.41 0.44
C HIS A 27 -1.22 -3.62 -0.03
N LEU A 28 -1.91 -4.75 -0.05
CA LEU A 28 -1.30 -6.07 -0.19
C LEU A 28 -0.60 -6.29 -1.51
N THR A 29 -0.86 -5.44 -2.50
CA THR A 29 -0.13 -5.54 -3.76
C THR A 29 1.25 -4.95 -3.69
N GLU A 30 1.63 -4.39 -2.55
CA GLU A 30 2.98 -3.81 -2.38
C GLU A 30 3.68 -4.39 -1.16
N SER A 31 3.47 -5.69 -0.93
CA SER A 31 4.21 -6.38 0.08
C SER A 31 5.71 -6.32 -0.24
N ARG A 32 6.52 -6.50 0.80
CA ARG A 32 7.97 -6.46 0.62
C ARG A 32 8.67 -7.11 1.79
N VAL A 33 9.93 -7.47 1.56
CA VAL A 33 10.81 -7.97 2.61
C VAL A 33 11.68 -6.81 3.08
N HIS A 34 11.69 -6.55 4.39
CA HIS A 34 12.59 -5.55 4.98
C HIS A 34 13.77 -6.29 5.61
N VAL A 35 14.98 -5.88 5.24
CA VAL A 35 16.19 -6.50 5.75
C VAL A 35 16.76 -5.59 6.84
N TYR A 36 16.99 -6.15 8.01
CA TYR A 36 17.45 -5.40 9.18
C TYR A 36 18.70 -6.05 9.75
N ASP A 37 19.47 -5.24 10.48
CA ASP A 37 20.57 -5.73 11.30
C ASP A 37 20.03 -5.91 12.70
N TYR A 38 19.98 -7.16 13.19
CA TYR A 38 19.36 -7.43 14.50
C TYR A 38 20.20 -6.89 15.67
N THR A 39 21.49 -6.65 15.41
CA THR A 39 22.43 -6.25 16.46
C THR A 39 22.26 -4.79 16.85
N ASN A 40 21.72 -3.97 15.95
CA ASN A 40 21.58 -2.53 16.23
C ASN A 40 20.29 -1.92 15.69
N GLY A 41 19.47 -2.75 15.05
CA GLY A 41 18.18 -2.30 14.52
C GLY A 41 18.24 -1.46 13.27
N LYS A 42 19.37 -1.48 12.57
CA LYS A 42 19.53 -0.69 11.37
C LYS A 42 18.78 -1.33 10.19
N PHE A 43 18.03 -0.51 9.45
CA PHE A 43 17.43 -0.93 8.19
C PHE A 43 18.50 -1.02 7.11
N LEU A 44 18.59 -2.17 6.46
CA LEU A 44 19.66 -2.45 5.50
C LEU A 44 19.20 -2.44 4.03
N GLY A 45 17.92 -2.62 3.80
CA GLY A 45 17.42 -2.68 2.44
C GLY A 45 16.12 -3.45 2.38
N MET A 46 15.66 -3.72 1.17
CA MET A 46 14.39 -4.39 0.99
C MET A 46 14.29 -5.08 -0.37
N VAL A 47 13.36 -6.03 -0.46
CA VAL A 47 13.02 -6.68 -1.70
C VAL A 47 11.51 -6.59 -1.94
N PRO A 48 11.11 -5.96 -3.05
CA PRO A 48 9.68 -5.84 -3.35
C PRO A 48 9.10 -7.21 -3.73
N THR A 49 7.86 -7.51 -3.27
CA THR A 49 7.27 -8.82 -3.52
C THR A 49 5.80 -8.77 -3.94
N ALA A 50 5.39 -7.65 -4.56
CA ALA A 50 4.09 -7.56 -5.23
C ALA A 50 2.96 -8.08 -4.31
N PHE A 51 2.03 -8.86 -4.84
CA PHE A 51 0.88 -9.27 -4.07
C PHE A 51 1.17 -10.44 -3.15
N ASN A 52 1.06 -10.19 -1.85
CA ASN A 52 1.16 -11.24 -0.85
C ASN A 52 2.41 -12.10 -1.03
N GLY A 53 3.56 -11.46 -0.98
CA GLY A 53 4.84 -12.19 -1.16
C GLY A 53 5.10 -13.15 0.00
N HIS A 54 5.84 -14.21 -0.29
CA HIS A 54 6.47 -15.06 0.72
C HIS A 54 7.96 -15.04 0.44
N VAL A 55 8.77 -15.36 1.46
CA VAL A 55 10.22 -15.23 1.34
C VAL A 55 10.94 -16.31 2.14
N GLN A 56 12.10 -16.71 1.65
CA GLN A 56 13.05 -17.51 2.42
C GLN A 56 14.44 -17.21 1.89
N VAL A 57 15.45 -17.57 2.68
CA VAL A 57 16.82 -17.38 2.26
C VAL A 57 17.37 -18.76 1.92
N SER A 58 18.13 -18.84 0.84
CA SER A 58 18.74 -20.10 0.44
C SER A 58 19.58 -20.65 1.55
N ASN A 59 19.63 -21.98 1.66
CA ASN A 59 20.36 -22.60 2.75
C ASN A 59 21.81 -22.17 2.76
N ASP A 60 22.38 -21.94 1.57
CA ASP A 60 23.83 -21.54 1.50
C ASP A 60 24.05 -20.05 1.79
N GLY A 61 22.96 -19.30 1.97
CA GLY A 61 23.05 -17.91 2.38
C GLY A 61 23.33 -16.93 1.25
N LYS A 62 23.36 -17.43 0.00
CA LYS A 62 23.78 -16.65 -1.15
C LYS A 62 22.62 -15.93 -1.83
N LYS A 63 21.42 -16.51 -1.73
CA LYS A 63 20.26 -15.98 -2.48
C LYS A 63 19.06 -15.83 -1.55
N ILE A 64 18.17 -14.94 -1.97
CA ILE A 64 16.85 -14.81 -1.37
C ILE A 64 15.84 -15.32 -2.39
N TYR A 65 14.93 -16.16 -1.95
CA TYR A 65 13.87 -16.69 -2.79
C TYR A 65 12.58 -16.00 -2.37
N THR A 66 11.83 -15.48 -3.35
CA THR A 66 10.49 -14.99 -3.08
C THR A 66 9.48 -15.74 -3.92
N MET A 67 8.24 -15.72 -3.44
CA MET A 67 7.12 -16.26 -4.18
C MET A 67 6.01 -15.22 -4.20
N THR A 68 5.42 -14.99 -5.37
CA THR A 68 4.42 -13.93 -5.48
C THR A 68 3.54 -14.13 -6.68
N THR A 69 2.56 -13.23 -6.82
CA THR A 69 1.62 -13.23 -7.92
C THR A 69 1.63 -11.87 -8.58
N TYR A 70 1.69 -11.87 -9.92
CA TYR A 70 1.52 -10.69 -10.77
C TYR A 70 0.28 -10.85 -11.65
N HIS A 71 -0.30 -9.74 -12.06
CA HIS A 71 -1.20 -9.72 -13.22
C HIS A 71 -0.77 -8.60 -14.17
N GLU A 72 -1.08 -8.75 -15.45
CA GLU A 72 -0.67 -7.80 -16.50
C GLU A 72 -1.07 -6.38 -16.13
N ARG A 73 -2.24 -6.24 -15.53
CA ARG A 73 -2.74 -4.93 -15.12
C ARG A 73 -3.19 -4.95 -13.64
N ILE A 74 -2.48 -5.75 -12.85
CA ILE A 74 -2.65 -5.85 -11.40
C ILE A 74 -3.99 -6.44 -10.99
N THR A 75 -5.06 -5.67 -11.23
CA THR A 75 -6.42 -6.11 -10.89
C THR A 75 -7.22 -6.71 -12.08
N ARG A 76 -6.57 -6.78 -13.23
CA ARG A 76 -7.08 -7.51 -14.39
C ARG A 76 -5.91 -8.00 -15.22
N GLY A 77 -6.22 -8.83 -16.22
CA GLY A 77 -5.19 -9.39 -17.09
C GLY A 77 -4.66 -10.71 -16.60
N LYS A 78 -3.75 -11.29 -17.37
CA LYS A 78 -3.29 -12.65 -17.08
C LYS A 78 -2.48 -12.73 -15.79
N ARG A 79 -2.77 -13.78 -15.01
CA ARG A 79 -2.05 -14.12 -13.78
C ARG A 79 -0.73 -14.82 -14.04
N SER A 80 0.28 -14.42 -13.31
CA SER A 80 1.57 -15.12 -13.30
C SER A 80 2.01 -15.32 -11.86
N ASP A 81 1.96 -16.57 -11.40
CA ASP A 81 2.58 -16.94 -10.14
C ASP A 81 4.03 -17.33 -10.38
N VAL A 82 4.93 -16.84 -9.55
CA VAL A 82 6.35 -17.05 -9.76
C VAL A 82 7.09 -17.30 -8.48
N VAL A 83 8.25 -17.94 -8.61
CA VAL A 83 9.31 -17.81 -7.65
C VAL A 83 10.36 -16.90 -8.27
N GLU A 84 10.93 -16.01 -7.47
CA GLU A 84 12.04 -15.18 -7.93
C GLU A 84 13.27 -15.47 -7.11
N VAL A 85 14.41 -15.46 -7.79
CA VAL A 85 15.70 -15.61 -7.13
C VAL A 85 16.41 -14.28 -7.15
N TRP A 86 16.78 -13.81 -5.97
CA TRP A 86 17.45 -12.55 -5.77
C TRP A 86 18.81 -12.78 -5.16
N ASP A 87 19.78 -11.94 -5.50
CA ASP A 87 21.08 -11.97 -4.83
C ASP A 87 20.98 -11.40 -3.44
N ALA A 88 21.51 -12.13 -2.46
CA ALA A 88 21.34 -11.75 -1.07
C ALA A 88 22.12 -10.50 -0.70
N ASP A 89 23.30 -10.30 -1.28
CA ASP A 89 24.13 -9.17 -0.88
C ASP A 89 23.83 -7.89 -1.66
N LYS A 90 23.45 -8.04 -2.93
CA LYS A 90 23.12 -6.90 -3.79
C LYS A 90 21.63 -6.54 -3.74
N LEU A 91 20.84 -7.47 -3.24
CA LEU A 91 19.36 -7.33 -3.22
C LEU A 91 18.83 -6.95 -4.59
N THR A 92 19.29 -7.68 -5.60
CA THR A 92 18.87 -7.52 -6.98
C THR A 92 18.20 -8.77 -7.52
N PHE A 93 17.29 -8.56 -8.47
CA PHE A 93 16.60 -9.63 -9.16
C PHE A 93 17.52 -10.37 -10.12
N GLU A 94 17.46 -11.70 -10.08
CA GLU A 94 18.23 -12.54 -11.01
C GLU A 94 17.38 -13.37 -11.97
N LYS A 95 16.38 -14.08 -11.45
CA LYS A 95 15.67 -15.07 -12.25
C LYS A 95 14.25 -15.22 -11.79
N GLU A 96 13.35 -15.38 -12.74
CA GLU A 96 11.98 -15.76 -12.49
C GLU A 96 11.74 -17.23 -12.88
N ILE A 97 11.04 -17.97 -12.02
CA ILE A 97 10.64 -19.35 -12.24
C ILE A 97 9.13 -19.42 -12.28
N SER A 98 8.58 -19.91 -13.38
CA SER A 98 7.13 -19.95 -13.55
C SER A 98 6.51 -21.06 -12.74
N LEU A 99 5.42 -20.73 -12.05
CA LEU A 99 4.61 -21.68 -11.33
C LEU A 99 3.25 -21.79 -11.99
N PRO A 100 2.53 -22.87 -11.77
CA PRO A 100 1.13 -22.92 -12.16
C PRO A 100 0.37 -21.90 -11.29
N PRO A 101 -0.73 -21.36 -11.79
CA PRO A 101 -1.44 -20.28 -11.10
C PRO A 101 -2.28 -20.74 -9.93
N LYS A 102 -1.62 -21.37 -8.96
CA LYS A 102 -2.31 -21.87 -7.78
C LYS A 102 -1.42 -21.83 -6.52
N ARG A 103 -0.35 -21.03 -6.54
CA ARG A 103 0.48 -20.92 -5.34
C ARG A 103 -0.37 -20.33 -4.23
N VAL A 104 -0.09 -20.72 -3.00
CA VAL A 104 -0.93 -20.29 -1.87
C VAL A 104 -0.87 -18.80 -1.67
N GLN A 105 -2.06 -18.19 -1.62
CA GLN A 105 -2.23 -16.80 -1.22
C GLN A 105 -2.80 -16.81 0.19
N GLY A 106 -1.98 -16.38 1.12
CA GLY A 106 -2.30 -16.50 2.51
C GLY A 106 -1.21 -15.92 3.41
N LEU A 107 -1.50 -15.91 4.69
CA LEU A 107 -0.58 -15.35 5.69
C LEU A 107 0.74 -16.13 5.71
N ASN A 108 1.80 -15.44 6.13
CA ASN A 108 3.18 -15.97 6.02
C ASN A 108 3.62 -16.95 7.13
N TYR A 109 2.95 -18.09 7.18
CA TYR A 109 3.44 -19.23 7.95
C TYR A 109 4.68 -19.75 7.27
N ASP A 110 5.71 -20.13 8.07
CA ASP A 110 6.95 -20.65 7.53
C ASP A 110 6.71 -21.79 6.54
N GLY A 111 5.78 -22.69 6.89
CA GLY A 111 5.61 -23.94 6.18
C GLY A 111 4.95 -23.86 4.83
N LEU A 112 4.64 -22.64 4.37
CA LEU A 112 4.05 -22.50 3.05
C LEU A 112 5.09 -22.36 1.94
N PHE A 113 6.34 -22.10 2.30
CA PHE A 113 7.39 -21.81 1.34
C PHE A 113 8.72 -22.18 1.97
N ARG A 114 9.22 -23.36 1.60
CA ARG A 114 10.37 -23.98 2.29
C ARG A 114 11.31 -24.54 1.25
N GLN A 115 12.36 -25.23 1.71
CA GLN A 115 13.32 -25.86 0.83
C GLN A 115 13.81 -27.15 1.47
N THR A 116 14.25 -28.09 0.65
CA THR A 116 14.82 -29.32 1.19
C THR A 116 16.11 -29.01 1.90
N THR A 117 16.54 -29.93 2.76
CA THR A 117 17.76 -29.75 3.53
C THR A 117 18.99 -29.53 2.64
N ASP A 118 19.07 -30.23 1.52
CA ASP A 118 20.20 -30.08 0.60
C ASP A 118 20.17 -28.80 -0.25
N GLY A 119 19.09 -28.02 -0.10
CA GLY A 119 18.96 -26.76 -0.82
C GLY A 119 18.66 -26.88 -2.31
N LYS A 120 18.45 -28.09 -2.80
CA LYS A 120 18.31 -28.28 -4.25
C LYS A 120 16.89 -28.05 -4.72
N PHE A 121 15.94 -28.14 -3.81
CA PHE A 121 14.54 -27.96 -4.19
C PHE A 121 13.83 -26.99 -3.26
N ILE A 122 13.05 -26.09 -3.89
CA ILE A 122 12.08 -25.27 -3.20
C ILE A 122 10.79 -26.07 -3.17
N VAL A 123 10.15 -26.08 -2.01
CA VAL A 123 8.96 -26.87 -1.74
C VAL A 123 7.90 -25.90 -1.24
N LEU A 124 6.81 -25.79 -1.98
CA LEU A 124 5.80 -24.73 -1.70
C LEU A 124 4.39 -25.29 -1.69
N GLN A 125 3.49 -24.60 -0.99
CA GLN A 125 2.11 -25.04 -0.87
C GLN A 125 1.26 -24.40 -1.95
N ASN A 126 0.46 -25.24 -2.63
CA ASN A 126 -0.57 -24.77 -3.57
C ASN A 126 -1.95 -24.92 -3.01
N ALA A 127 -2.88 -24.09 -3.52
CA ALA A 127 -4.29 -24.23 -3.20
C ALA A 127 -5.09 -23.70 -4.37
N SER A 128 -5.94 -24.54 -4.96
CA SER A 128 -6.72 -24.14 -6.13
C SER A 128 -8.26 -24.01 -6.03
N PRO A 129 -8.95 -24.52 -5.01
CA PRO A 129 -8.52 -24.56 -3.62
C PRO A 129 -8.06 -25.97 -3.20
N ALA A 130 -8.13 -26.94 -4.10
CA ALA A 130 -7.57 -28.25 -3.82
C ALA A 130 -6.07 -28.08 -3.52
N THR A 131 -5.56 -28.79 -2.52
CA THR A 131 -4.17 -28.55 -2.11
C THR A 131 -3.24 -29.56 -2.70
N SER A 132 -2.07 -29.08 -3.07
CA SER A 132 -0.97 -29.94 -3.50
C SER A 132 0.29 -29.23 -3.09
N ILE A 133 1.42 -29.95 -3.16
CA ILE A 133 2.70 -29.35 -2.92
C ILE A 133 3.49 -29.29 -4.22
N GLY A 134 4.06 -28.12 -4.52
CA GLY A 134 4.86 -27.90 -5.70
C GLY A 134 6.35 -28.01 -5.43
N ILE A 135 7.07 -28.59 -6.38
CA ILE A 135 8.49 -28.79 -6.26
C ILE A 135 9.18 -28.01 -7.36
N VAL A 136 10.11 -27.16 -6.96
CA VAL A 136 10.89 -26.36 -7.88
C VAL A 136 12.35 -26.79 -7.79
N ASP A 137 12.90 -27.18 -8.94
CA ASP A 137 14.33 -27.48 -9.06
C ASP A 137 15.09 -26.15 -9.18
N VAL A 138 15.86 -25.83 -8.15
CA VAL A 138 16.60 -24.59 -8.07
C VAL A 138 17.62 -24.47 -9.21
N ALA A 139 18.44 -25.50 -9.38
CA ALA A 139 19.48 -25.51 -10.43
C ALA A 139 18.90 -25.25 -11.82
N LYS A 140 17.81 -25.95 -12.15
CA LYS A 140 17.19 -25.87 -13.47
C LYS A 140 16.26 -24.68 -13.67
N GLY A 141 15.83 -24.06 -12.58
CA GLY A 141 14.88 -22.95 -12.66
C GLY A 141 13.52 -23.37 -13.17
N ASP A 142 13.07 -24.55 -12.74
CA ASP A 142 11.86 -25.18 -13.26
C ASP A 142 10.99 -25.73 -12.15
N TYR A 143 9.67 -25.62 -12.34
CA TYR A 143 8.68 -26.37 -11.57
C TYR A 143 8.64 -27.79 -12.13
N VAL A 144 8.99 -28.78 -11.32
CA VAL A 144 9.24 -30.14 -11.83
C VAL A 144 8.25 -31.23 -11.38
N GLU A 145 7.48 -30.96 -10.34
CA GLU A 145 6.62 -31.97 -9.76
C GLU A 145 5.45 -31.33 -9.00
N ASP A 146 4.27 -31.91 -9.12
CA ASP A 146 3.10 -31.49 -8.40
C ASP A 146 2.66 -32.65 -7.53
N VAL A 147 2.79 -32.50 -6.21
CA VAL A 147 2.46 -33.59 -5.30
C VAL A 147 0.99 -33.52 -4.90
N THR A 148 0.13 -34.12 -5.72
CA THR A 148 -1.30 -34.18 -5.44
C THR A 148 -1.68 -35.22 -4.40
N ALA A 149 -0.72 -36.10 -4.09
CA ALA A 149 -0.85 -37.04 -2.96
C ALA A 149 -1.07 -36.30 -1.63
N ALA A 150 -0.65 -35.03 -1.60
CA ALA A 150 -0.82 -34.19 -0.42
C ALA A 150 -2.18 -33.47 -0.35
N ALA A 151 -3.09 -33.79 -1.27
CA ALA A 151 -4.44 -33.26 -1.19
C ALA A 151 -5.02 -33.53 0.18
N GLY A 152 -5.66 -32.54 0.77
CA GLY A 152 -6.24 -32.71 2.10
C GLY A 152 -5.25 -32.50 3.21
N CYS A 153 -4.03 -32.13 2.85
CA CYS A 153 -2.97 -31.85 3.82
C CYS A 153 -2.56 -30.37 3.67
N TRP A 154 -1.69 -29.93 4.57
CA TRP A 154 -1.29 -28.50 4.60
C TRP A 154 0.08 -28.29 5.22
N SER A 155 0.89 -27.52 4.52
CA SER A 155 2.18 -27.00 5.01
C SER A 155 3.32 -28.00 4.87
N VAL A 156 4.53 -27.45 4.82
CA VAL A 156 5.73 -28.23 4.49
C VAL A 156 6.70 -28.14 5.69
N ILE A 157 7.11 -29.30 6.20
CA ILE A 157 8.06 -29.40 7.32
C ILE A 157 9.26 -30.20 6.81
N PRO A 158 10.33 -29.54 6.42
CA PRO A 158 11.51 -30.27 5.97
C PRO A 158 12.11 -31.10 7.11
N GLN A 159 12.67 -32.27 6.76
CA GLN A 159 13.32 -33.14 7.75
C GLN A 159 14.81 -32.83 7.72
N PRO A 160 15.33 -32.19 8.77
CA PRO A 160 16.72 -31.74 8.78
C PRO A 160 17.74 -32.86 8.73
N ASN A 161 17.30 -34.08 9.03
CA ASN A 161 18.20 -35.27 8.98
C ASN A 161 18.27 -35.98 7.62
N ARG A 162 17.51 -35.51 6.63
CA ARG A 162 17.51 -36.11 5.30
C ARG A 162 17.57 -35.04 4.21
N PRO A 163 18.22 -35.35 3.08
CA PRO A 163 18.51 -34.33 2.09
C PRO A 163 17.30 -33.77 1.34
N ARG A 164 16.32 -34.62 1.04
CA ARG A 164 15.19 -34.15 0.20
C ARG A 164 13.87 -34.84 0.58
N SER A 165 13.58 -34.76 1.87
CA SER A 165 12.37 -35.28 2.47
C SER A 165 11.69 -34.20 3.28
N PHE A 166 10.38 -34.24 3.32
CA PHE A 166 9.60 -33.31 4.13
C PHE A 166 8.30 -33.95 4.50
N MET A 167 7.61 -33.35 5.44
CA MET A 167 6.34 -33.86 5.92
C MET A 167 5.28 -32.78 5.75
N THR A 168 4.03 -33.20 5.76
CA THR A 168 2.90 -32.29 5.80
C THR A 168 1.83 -32.84 6.73
N ILE A 169 0.97 -31.96 7.24
CA ILE A 169 -0.04 -32.32 8.21
C ILE A 169 -1.34 -32.54 7.50
N CYS A 170 -1.95 -33.67 7.77
CA CYS A 170 -3.12 -34.06 7.01
C CYS A 170 -4.39 -34.00 7.82
N GLY A 171 -5.52 -33.92 7.11
CA GLY A 171 -6.83 -33.85 7.71
C GLY A 171 -7.28 -35.05 8.52
N ASP A 172 -6.52 -36.13 8.47
CA ASP A 172 -6.76 -37.30 9.29
C ASP A 172 -6.03 -37.21 10.64
N GLY A 173 -5.27 -36.13 10.87
CA GLY A 173 -4.57 -35.96 12.13
C GLY A 173 -3.20 -36.61 12.16
N GLY A 174 -2.76 -37.11 11.02
CA GLY A 174 -1.41 -37.67 10.87
C GLY A 174 -0.53 -36.88 9.94
N LEU A 175 0.67 -37.41 9.68
CA LEU A 175 1.66 -36.78 8.87
C LEU A 175 1.92 -37.59 7.63
N LEU A 176 2.01 -36.91 6.49
CA LEU A 176 2.44 -37.52 5.25
C LEU A 176 3.88 -37.12 5.00
N THR A 177 4.75 -38.11 4.82
CA THR A 177 6.12 -37.87 4.48
C THR A 177 6.37 -38.12 3.00
N ILE A 178 7.07 -37.18 2.37
CA ILE A 178 7.42 -37.26 0.98
C ILE A 178 8.94 -37.28 0.83
N ASN A 179 9.45 -38.30 0.13
CA ASN A 179 10.84 -38.39 -0.21
C ASN A 179 11.06 -38.23 -1.71
N LEU A 180 11.80 -37.20 -2.09
CA LEU A 180 12.02 -36.87 -3.49
C LEU A 180 13.21 -37.63 -4.05
N GLY A 181 13.13 -37.96 -5.32
CA GLY A 181 14.29 -38.45 -6.08
C GLY A 181 15.18 -37.30 -6.50
N GLU A 182 16.30 -37.64 -7.16
CA GLU A 182 17.31 -36.65 -7.53
C GLU A 182 16.78 -35.62 -8.52
N ASP A 183 15.70 -35.97 -9.24
CA ASP A 183 15.08 -35.07 -10.20
C ASP A 183 13.92 -34.26 -9.61
N GLY A 184 13.64 -34.45 -8.33
CA GLY A 184 12.53 -33.72 -7.69
C GLY A 184 11.17 -34.37 -7.81
N LYS A 185 11.06 -35.48 -8.56
CA LYS A 185 9.81 -36.24 -8.58
C LYS A 185 9.75 -37.11 -7.32
N VAL A 186 8.56 -37.44 -6.88
CA VAL A 186 8.40 -38.22 -5.64
C VAL A 186 8.89 -39.64 -5.86
N ALA A 187 9.84 -40.07 -5.01
CA ALA A 187 10.36 -41.45 -5.10
C ALA A 187 9.57 -42.38 -4.18
N SER A 188 9.30 -41.91 -2.96
CA SER A 188 8.49 -42.67 -2.01
C SER A 188 7.74 -41.75 -1.05
N GLN A 189 6.75 -42.29 -0.37
CA GLN A 189 5.97 -41.56 0.62
C GLN A 189 5.42 -42.49 1.68
N SER A 190 5.10 -41.94 2.85
CA SER A 190 4.50 -42.73 3.91
C SER A 190 3.57 -41.90 4.77
N ARG A 191 2.61 -42.56 5.39
CA ARG A 191 1.63 -41.91 6.25
C ARG A 191 1.81 -42.44 7.65
N SER A 192 1.90 -41.53 8.62
CA SER A 192 2.02 -41.92 10.01
C SER A 192 0.67 -42.40 10.54
N LYS A 193 0.67 -42.95 11.74
CA LYS A 193 -0.56 -43.16 12.48
C LYS A 193 -1.09 -41.78 12.92
N GLN A 194 -2.32 -41.75 13.42
CA GLN A 194 -2.92 -40.49 13.83
C GLN A 194 -2.15 -39.93 14.99
N MET A 195 -1.72 -38.68 14.87
CA MET A 195 -0.99 -38.03 15.95
C MET A 195 -1.96 -37.32 16.88
N PHE A 196 -2.88 -36.54 16.31
CA PHE A 196 -3.82 -35.76 17.10
C PHE A 196 -5.24 -35.89 16.58
N SER A 197 -6.20 -35.65 17.46
CA SER A 197 -7.60 -35.60 17.06
C SER A 197 -7.91 -34.24 16.44
N VAL A 198 -8.20 -34.25 15.16
CA VAL A 198 -8.54 -33.03 14.46
C VAL A 198 -9.71 -32.31 15.13
N LYS A 199 -10.76 -33.05 15.49
CA LYS A 199 -11.95 -32.44 16.09
C LYS A 199 -11.77 -32.02 17.55
N ASP A 200 -11.07 -32.85 18.33
CA ASP A 200 -11.02 -32.64 19.78
C ASP A 200 -9.80 -31.89 20.28
N ASP A 201 -8.72 -31.88 19.51
CA ASP A 201 -7.48 -31.23 19.98
C ASP A 201 -6.63 -30.80 18.78
N PRO A 202 -7.15 -29.87 17.97
CA PRO A 202 -6.41 -29.40 16.80
C PRO A 202 -5.08 -28.76 17.16
N ILE A 203 -4.06 -29.08 16.40
CA ILE A 203 -2.73 -28.46 16.55
C ILE A 203 -2.54 -27.23 15.67
N PHE A 204 -1.71 -26.30 16.15
CA PHE A 204 -1.13 -25.27 15.31
C PHE A 204 -0.16 -25.91 14.33
N ILE A 205 -0.09 -25.38 13.13
CA ILE A 205 0.76 -26.00 12.12
C ILE A 205 2.25 -25.75 12.32
N ALA A 206 2.59 -24.70 13.06
CA ALA A 206 4.00 -24.33 13.24
C ALA A 206 4.76 -25.38 14.07
N PRO A 207 5.77 -26.02 13.49
CA PRO A 207 6.56 -27.00 14.25
C PRO A 207 7.61 -26.34 15.14
N ALA A 208 7.85 -26.96 16.28
CA ALA A 208 9.09 -26.74 17.03
C ALA A 208 10.03 -27.85 16.61
N LEU A 209 10.93 -27.52 15.69
CA LEU A 209 11.63 -28.50 14.86
C LEU A 209 13.03 -28.80 15.37
N ASP A 210 13.26 -30.07 15.67
CA ASP A 210 14.59 -30.57 16.05
C ASP A 210 15.21 -31.23 14.81
N LYS A 211 16.42 -31.78 14.94
CA LYS A 211 17.08 -32.38 13.80
C LYS A 211 16.38 -33.66 13.29
N ASP A 212 15.71 -34.38 14.20
CA ASP A 212 15.05 -35.66 13.86
C ASP A 212 13.65 -35.84 14.45
N LYS A 213 13.08 -34.77 15.00
CA LYS A 213 11.73 -34.80 15.51
C LYS A 213 11.15 -33.40 15.48
N ALA A 214 9.84 -33.34 15.54
CA ALA A 214 9.11 -32.08 15.59
C ALA A 214 8.08 -32.12 16.69
N HIS A 215 7.92 -31.01 17.40
CA HIS A 215 6.87 -30.89 18.38
C HIS A 215 5.83 -29.88 17.86
N PHE A 216 4.58 -30.11 18.25
CA PHE A 216 3.48 -29.21 17.91
C PHE A 216 2.66 -28.92 19.14
N VAL A 217 2.12 -27.72 19.24
CA VAL A 217 1.23 -27.41 20.34
C VAL A 217 -0.21 -27.32 19.86
N SER A 218 -1.16 -27.55 20.75
CA SER A 218 -2.56 -27.59 20.39
C SER A 218 -3.35 -26.38 20.86
N TYR A 219 -4.55 -26.23 20.32
CA TYR A 219 -5.43 -25.15 20.72
C TYR A 219 -5.69 -25.12 22.22
N TYR A 220 -5.59 -26.28 22.87
CA TYR A 220 -5.93 -26.40 24.31
C TYR A 220 -4.68 -26.57 25.16
N GLY A 221 -3.52 -26.32 24.58
CA GLY A 221 -2.27 -26.31 25.33
C GLY A 221 -1.67 -27.67 25.56
N ASN A 222 -1.96 -28.62 24.66
CA ASN A 222 -1.25 -29.90 24.66
C ASN A 222 -0.09 -29.93 23.66
N VAL A 223 0.80 -30.89 23.85
CA VAL A 223 1.97 -31.03 23.01
C VAL A 223 2.00 -32.43 22.35
N TYR A 224 2.19 -32.45 21.04
CA TYR A 224 2.33 -33.68 20.28
C TYR A 224 3.68 -33.72 19.60
N SER A 225 4.17 -34.91 19.27
CA SER A 225 5.44 -35.01 18.60
C SER A 225 5.46 -36.04 17.48
N ALA A 226 6.30 -35.76 16.50
CA ALA A 226 6.56 -36.67 15.41
C ALA A 226 8.04 -36.93 15.36
N ASP A 227 8.43 -38.18 15.51
CA ASP A 227 9.82 -38.57 15.52
C ASP A 227 10.12 -39.24 14.19
N PHE A 228 11.03 -38.63 13.43
CA PHE A 228 11.39 -39.11 12.10
C PHE A 228 12.89 -39.49 12.08
N SER A 229 13.37 -39.99 13.21
CA SER A 229 14.77 -40.46 13.31
C SER A 229 14.90 -41.81 12.63
N GLY A 230 13.97 -42.70 12.96
CA GLY A 230 13.88 -43.99 12.31
C GLY A 230 13.28 -43.82 10.93
N ASP A 231 12.90 -44.93 10.32
CA ASP A 231 12.52 -44.92 8.91
C ASP A 231 11.04 -44.57 8.67
N GLU A 232 10.18 -44.87 9.62
CA GLU A 232 8.78 -44.48 9.54
C GLU A 232 8.55 -43.50 10.68
N VAL A 233 7.59 -42.61 10.52
CA VAL A 233 7.36 -41.57 11.53
C VAL A 233 6.54 -42.10 12.69
N LYS A 234 7.08 -41.95 13.90
CA LYS A 234 6.39 -42.35 15.10
C LYS A 234 5.82 -41.12 15.78
N VAL A 235 4.56 -41.20 16.19
CA VAL A 235 3.86 -40.06 16.78
C VAL A 235 3.46 -40.32 18.23
N ASP A 236 3.37 -39.25 18.99
CA ASP A 236 3.04 -39.35 20.40
C ASP A 236 2.33 -38.11 20.90
N GLY A 237 1.77 -38.20 22.09
CA GLY A 237 1.08 -37.08 22.70
C GLY A 237 -0.39 -37.38 22.88
N PRO A 238 -1.07 -36.60 23.73
CA PRO A 238 -0.60 -35.29 24.21
C PRO A 238 0.09 -35.38 25.58
N TRP A 239 1.02 -34.44 25.82
CA TRP A 239 1.29 -33.99 27.18
C TRP A 239 0.93 -32.52 27.27
N SER A 240 0.55 -32.07 28.47
CA SER A 240 0.06 -30.72 28.68
C SER A 240 1.17 -29.74 29.03
N LEU A 241 1.10 -28.56 28.41
CA LEU A 241 1.97 -27.41 28.78
C LEU A 241 1.57 -26.83 30.11
N LEU A 242 0.39 -27.21 30.60
CA LEU A 242 -0.26 -26.50 31.70
C LEU A 242 -0.17 -27.28 33.01
N ASN A 243 0.15 -26.57 34.09
CA ASN A 243 -0.04 -27.11 35.43
C ASN A 243 -1.44 -26.76 35.97
N ASP A 244 -1.73 -27.16 37.21
CA ASP A 244 -3.08 -26.94 37.73
C ASP A 244 -3.44 -25.46 37.83
N GLU A 245 -2.48 -24.63 38.20
CA GLU A 245 -2.73 -23.21 38.31
C GLU A 245 -2.95 -22.61 36.92
N ASP A 246 -2.17 -23.06 35.94
CA ASP A 246 -2.33 -22.60 34.55
C ASP A 246 -3.73 -22.93 34.05
N LYS A 247 -4.19 -24.15 34.30
CA LYS A 247 -5.50 -24.62 33.83
C LYS A 247 -6.65 -23.80 34.43
N ALA A 248 -6.54 -23.49 35.72
CA ALA A 248 -7.58 -22.71 36.39
C ALA A 248 -7.74 -21.30 35.79
N LYS A 249 -6.66 -20.77 35.22
CA LYS A 249 -6.66 -19.44 34.60
C LYS A 249 -6.86 -19.52 33.08
N ASN A 250 -7.11 -20.74 32.59
CA ASN A 250 -7.41 -20.98 31.18
C ASN A 250 -6.31 -20.52 30.23
N TRP A 251 -5.07 -20.70 30.62
CA TRP A 251 -3.96 -20.41 29.72
C TRP A 251 -4.01 -21.36 28.52
N VAL A 252 -3.83 -20.78 27.33
CA VAL A 252 -3.68 -21.57 26.08
C VAL A 252 -2.68 -20.87 25.14
N PRO A 253 -2.17 -21.59 24.15
CA PRO A 253 -1.30 -20.95 23.17
C PRO A 253 -2.08 -20.04 22.23
N GLY A 254 -1.40 -19.08 21.65
CA GLY A 254 -1.98 -18.24 20.63
C GLY A 254 -0.92 -17.60 19.79
N GLY A 255 -1.17 -17.50 18.47
CA GLY A 255 -0.27 -16.81 17.57
C GLY A 255 -0.27 -17.44 16.22
N TYR A 256 0.76 -17.16 15.43
CA TYR A 256 0.87 -17.65 14.08
C TYR A 256 2.10 -18.56 13.98
N ASN A 257 3.28 -18.00 13.72
CA ASN A 257 4.54 -18.77 13.82
C ASN A 257 4.95 -18.75 15.31
N LEU A 258 4.17 -19.48 16.12
CA LEU A 258 4.07 -19.22 17.57
C LEU A 258 4.98 -20.08 18.46
N VAL A 259 5.76 -20.97 17.86
CA VAL A 259 6.67 -21.82 18.62
C VAL A 259 8.08 -21.84 18.04
N GLY A 260 9.02 -22.30 18.87
CA GLY A 260 10.38 -22.46 18.43
C GLY A 260 11.09 -23.45 19.34
N LEU A 261 12.15 -24.05 18.83
CA LEU A 261 12.94 -25.01 19.61
C LEU A 261 14.40 -24.59 19.61
N HIS A 262 14.99 -24.54 20.81
CA HIS A 262 16.44 -24.43 20.98
C HIS A 262 16.99 -25.86 21.13
N ARG A 263 17.62 -26.34 20.07
CA ARG A 263 17.89 -27.76 19.89
C ARG A 263 18.89 -28.30 20.92
N ALA A 264 19.91 -27.50 21.23
CA ALA A 264 20.94 -27.96 22.18
C ALA A 264 20.37 -28.24 23.56
N SER A 265 19.45 -27.39 24.03
CA SER A 265 18.84 -27.55 25.34
C SER A 265 17.55 -28.33 25.32
N GLY A 266 16.91 -28.43 24.16
CA GLY A 266 15.59 -29.00 24.07
C GLY A 266 14.50 -28.09 24.63
N ARG A 267 14.81 -26.81 24.80
CA ARG A 267 13.82 -25.87 25.26
C ARG A 267 12.88 -25.47 24.12
N MET A 268 11.58 -25.57 24.37
CA MET A 268 10.54 -25.10 23.43
C MET A 268 9.95 -23.79 23.92
N TYR A 269 9.82 -22.85 23.00
CA TYR A 269 9.27 -21.52 23.29
C TYR A 269 7.87 -21.41 22.70
N VAL A 270 6.93 -20.90 23.47
CA VAL A 270 5.53 -20.85 23.03
C VAL A 270 4.85 -19.57 23.50
N PHE A 271 4.11 -18.91 22.62
CA PHE A 271 3.29 -17.76 22.99
C PHE A 271 2.01 -18.22 23.63
N MET A 272 1.66 -17.62 24.78
CA MET A 272 0.52 -18.03 25.57
C MET A 272 -0.31 -16.83 26.01
N HIS A 273 -1.57 -17.07 26.30
CA HIS A 273 -2.41 -16.03 26.88
C HIS A 273 -3.46 -16.66 27.80
N PRO A 274 -3.92 -15.91 28.80
CA PRO A 274 -4.93 -16.43 29.73
C PRO A 274 -6.33 -16.29 29.18
N ASP A 275 -7.32 -16.88 29.86
CA ASP A 275 -8.72 -16.71 29.50
C ASP A 275 -9.00 -17.23 28.09
N GLY A 276 -8.34 -18.31 27.76
CA GLY A 276 -8.54 -18.97 26.49
C GLY A 276 -9.94 -19.52 26.39
N LYS A 277 -10.47 -19.48 25.17
CA LYS A 277 -11.74 -20.08 24.86
C LYS A 277 -11.81 -20.17 23.34
N GLU A 278 -12.91 -20.68 22.82
CA GLU A 278 -13.06 -20.79 21.37
C GLU A 278 -12.91 -19.43 20.74
N GLY A 279 -12.02 -19.34 19.76
CA GLY A 279 -11.76 -18.11 19.02
C GLY A 279 -10.58 -17.29 19.47
N THR A 280 -9.80 -17.79 20.46
CA THR A 280 -8.64 -17.02 20.92
C THR A 280 -7.29 -17.52 20.44
N HIS A 281 -7.27 -18.45 19.48
CA HIS A 281 -6.01 -19.09 19.09
C HIS A 281 -5.02 -18.23 18.33
N LYS A 282 -5.44 -17.04 17.90
CA LYS A 282 -4.52 -16.10 17.26
C LYS A 282 -4.29 -14.81 18.08
N PHE A 283 -4.64 -14.86 19.37
CA PHE A 283 -4.46 -13.71 20.26
C PHE A 283 -2.99 -13.48 20.48
N PRO A 284 -2.60 -12.21 20.60
CA PRO A 284 -1.23 -11.88 20.97
C PRO A 284 -0.82 -12.49 22.31
N ALA A 285 0.47 -12.72 22.44
CA ALA A 285 1.06 -13.34 23.62
C ALA A 285 0.96 -12.39 24.81
N ALA A 286 0.36 -12.86 25.89
CA ALA A 286 0.51 -12.24 27.20
C ALA A 286 1.88 -12.58 27.74
N GLU A 287 2.33 -13.81 27.47
CA GLU A 287 3.61 -14.29 27.94
C GLU A 287 4.24 -15.22 26.91
N ILE A 288 5.56 -15.34 26.97
CA ILE A 288 6.27 -16.45 26.37
C ILE A 288 6.56 -17.46 27.46
N TRP A 289 6.21 -18.71 27.22
CA TRP A 289 6.62 -19.81 28.11
C TRP A 289 7.78 -20.58 27.51
N VAL A 290 8.66 -21.03 28.39
CA VAL A 290 9.80 -21.80 28.00
C VAL A 290 9.66 -23.18 28.66
N MET A 291 9.59 -24.21 27.83
CA MET A 291 9.33 -25.56 28.27
C MET A 291 10.57 -26.43 28.06
N ASP A 292 10.86 -27.26 29.05
CA ASP A 292 11.83 -28.31 28.87
C ASP A 292 11.10 -29.52 28.29
N THR A 293 11.42 -29.88 27.05
CA THR A 293 10.68 -30.92 26.35
C THR A 293 11.05 -32.32 26.84
N LYS A 294 12.13 -32.42 27.61
CA LYS A 294 12.55 -33.70 28.21
C LYS A 294 11.84 -33.95 29.53
N THR A 295 11.83 -32.94 30.41
CA THR A 295 11.15 -33.07 31.70
C THR A 295 9.68 -32.72 31.60
N LYS A 296 9.29 -32.10 30.47
CA LYS A 296 7.90 -31.71 30.23
C LYS A 296 7.37 -30.71 31.28
N GLN A 297 8.27 -29.86 31.78
CA GLN A 297 7.94 -28.82 32.75
C GLN A 297 8.30 -27.43 32.20
N ARG A 298 7.52 -26.41 32.57
CA ARG A 298 7.89 -25.04 32.26
C ARG A 298 9.10 -24.62 33.10
N VAL A 299 10.09 -24.05 32.45
CA VAL A 299 11.31 -23.54 33.13
C VAL A 299 11.39 -22.00 33.19
N ALA A 300 10.53 -21.30 32.45
CA ALA A 300 10.45 -19.85 32.54
C ALA A 300 9.16 -19.33 31.93
N ARG A 301 8.74 -18.16 32.40
CA ARG A 301 7.69 -17.38 31.78
C ARG A 301 8.06 -15.91 31.85
N ILE A 302 7.86 -15.18 30.74
CA ILE A 302 8.21 -13.77 30.68
C ILE A 302 7.15 -13.04 29.88
N PRO A 303 7.08 -11.73 30.02
CA PRO A 303 6.08 -10.96 29.29
C PRO A 303 6.20 -11.16 27.78
N GLY A 304 5.05 -11.20 27.11
CA GLY A 304 5.01 -11.55 25.71
C GLY A 304 5.14 -10.36 24.76
N ARG A 305 4.94 -9.16 25.27
CA ARG A 305 5.02 -7.95 24.44
C ARG A 305 4.09 -8.04 23.22
N ASP A 306 2.92 -8.67 23.42
CA ASP A 306 1.91 -8.83 22.36
C ASP A 306 2.47 -9.45 21.08
N ALA A 307 3.47 -10.31 21.22
CA ALA A 307 4.05 -11.02 20.07
C ALA A 307 3.09 -12.05 19.50
N LEU A 308 3.27 -12.29 18.21
CA LEU A 308 2.45 -13.22 17.43
C LEU A 308 3.26 -14.30 16.73
N SER A 309 4.50 -13.95 16.34
CA SER A 309 5.37 -14.84 15.61
C SER A 309 6.81 -14.74 16.15
N MET A 310 7.57 -15.80 15.97
CA MET A 310 8.95 -15.89 16.45
C MET A 310 9.82 -16.68 15.49
N THR A 311 11.12 -16.65 15.73
CA THR A 311 12.06 -17.55 15.10
C THR A 311 13.29 -17.68 16.00
N ILE A 312 14.02 -18.76 15.82
CA ILE A 312 15.19 -19.07 16.66
C ILE A 312 16.46 -19.16 15.83
N ASP A 313 17.54 -18.60 16.37
CA ASP A 313 18.87 -18.90 15.85
C ASP A 313 19.60 -19.84 16.83
N GLN A 314 19.99 -21.01 16.34
CA GLN A 314 20.63 -22.03 17.18
C GLN A 314 22.03 -21.59 17.63
N GLN A 315 22.91 -21.30 16.68
CA GLN A 315 24.32 -21.02 16.98
C GLN A 315 24.49 -19.88 17.99
N ARG A 316 23.75 -18.79 17.79
CA ARG A 316 23.90 -17.59 18.62
C ARG A 316 22.96 -17.56 19.80
N ASN A 317 22.13 -18.60 19.93
CA ASN A 317 21.23 -18.71 21.07
C ASN A 317 20.31 -17.48 21.17
N LEU A 318 19.57 -17.22 20.08
CA LEU A 318 18.72 -16.04 19.99
C LEU A 318 17.31 -16.42 19.63
N MET A 319 16.36 -15.65 20.15
CA MET A 319 14.98 -15.72 19.71
C MET A 319 14.54 -14.32 19.27
N LEU A 320 13.88 -14.26 18.12
CA LEU A 320 13.21 -13.01 17.71
C LEU A 320 11.72 -13.19 17.90
N THR A 321 11.04 -12.16 18.38
CA THR A 321 9.59 -12.16 18.36
C THR A 321 9.09 -10.92 17.64
N LEU A 322 7.84 -10.99 17.21
CA LEU A 322 7.31 -10.01 16.27
C LEU A 322 5.84 -9.84 16.55
N ASP A 323 5.40 -8.59 16.73
CA ASP A 323 4.03 -8.32 17.14
C ASP A 323 3.17 -7.79 15.98
N GLY A 324 3.70 -7.86 14.78
CA GLY A 324 3.07 -7.27 13.60
C GLY A 324 3.83 -6.10 13.03
N GLY A 325 4.49 -5.35 13.92
CA GLY A 325 5.21 -4.12 13.53
C GLY A 325 6.62 -3.99 14.08
N ASN A 326 6.87 -4.59 15.25
CA ASN A 326 8.12 -4.41 15.99
C ASN A 326 8.75 -5.77 16.25
N VAL A 327 10.08 -5.80 16.19
CA VAL A 327 10.83 -7.05 16.40
C VAL A 327 11.63 -6.94 17.67
N ASN A 328 11.41 -7.90 18.56
CA ASN A 328 12.16 -8.00 19.82
C ASN A 328 13.24 -9.06 19.70
N VAL A 329 14.43 -8.74 20.22
CA VAL A 329 15.57 -9.67 20.15
C VAL A 329 15.89 -10.19 21.55
N TYR A 330 15.94 -11.51 21.70
CA TYR A 330 16.20 -12.13 23.02
C TYR A 330 17.42 -13.00 23.00
N ASP A 331 18.18 -12.91 24.08
CA ASP A 331 19.22 -13.88 24.40
C ASP A 331 18.59 -15.07 25.14
N ILE A 332 18.65 -16.25 24.52
CA ILE A 332 18.05 -17.46 25.12
C ILE A 332 19.12 -18.50 25.47
N SER A 333 20.34 -18.02 25.75
CA SER A 333 21.44 -18.89 26.18
C SER A 333 21.18 -19.56 27.55
N GLN A 334 20.34 -18.93 28.37
CA GLN A 334 19.89 -19.49 29.64
C GLN A 334 18.38 -19.73 29.60
N PRO A 335 17.87 -20.59 30.49
CA PRO A 335 16.44 -20.89 30.54
C PRO A 335 15.52 -19.67 30.52
N GLU A 336 15.82 -18.67 31.36
CA GLU A 336 15.07 -17.40 31.30
C GLU A 336 15.65 -16.54 30.16
N PRO A 337 14.82 -16.16 29.18
CA PRO A 337 15.26 -15.28 28.11
C PRO A 337 15.54 -13.85 28.61
N LYS A 338 16.49 -13.20 27.95
CA LYS A 338 16.87 -11.84 28.24
C LYS A 338 16.59 -10.95 27.01
N LEU A 339 15.78 -9.92 27.20
CA LEU A 339 15.48 -8.97 26.14
C LEU A 339 16.66 -8.03 25.89
N LEU A 340 17.18 -8.05 24.66
CA LEU A 340 18.33 -7.26 24.24
C LEU A 340 17.95 -5.92 23.62
N ARG A 341 16.90 -5.91 22.79
CA ARG A 341 16.46 -4.67 22.16
C ARG A 341 15.15 -4.89 21.44
N THR A 342 14.52 -3.80 21.07
CA THR A 342 13.33 -3.84 20.23
C THR A 342 13.57 -2.96 19.03
N ILE A 343 13.23 -3.48 17.87
CA ILE A 343 13.32 -2.77 16.62
C ILE A 343 11.91 -2.30 16.30
N GLU A 344 11.67 -0.99 16.48
CA GLU A 344 10.36 -0.41 16.26
C GLU A 344 10.09 -0.06 14.79
N GLY A 345 8.87 -0.36 14.34
CA GLY A 345 8.46 -0.03 12.99
C GLY A 345 9.20 -0.80 11.92
N ALA A 346 9.53 -2.07 12.22
CA ALA A 346 10.20 -2.94 11.25
C ALA A 346 9.27 -3.32 10.09
N ALA A 347 7.97 -3.16 10.30
CA ALA A 347 6.96 -3.53 9.32
C ALA A 347 5.65 -2.86 9.69
N GLU A 348 4.72 -2.83 8.73
CA GLU A 348 3.35 -2.43 9.04
C GLU A 348 2.43 -3.63 9.38
N ALA A 349 2.65 -4.75 8.72
CA ALA A 349 1.84 -5.94 8.93
C ALA A 349 2.64 -7.19 8.61
N SER A 350 3.57 -7.54 9.50
CA SER A 350 4.38 -8.74 9.33
C SER A 350 4.04 -9.78 10.37
N LEU A 351 3.91 -11.03 9.93
CA LEU A 351 3.76 -12.16 10.82
C LEU A 351 4.90 -13.15 10.65
N GLN A 352 5.99 -12.71 10.05
CA GLN A 352 7.13 -13.60 9.84
C GLN A 352 8.45 -12.87 9.81
N VAL A 353 9.36 -13.35 10.66
CA VAL A 353 10.75 -12.89 10.64
C VAL A 353 11.68 -14.10 10.62
N GLN A 354 12.81 -13.96 9.93
CA GLN A 354 13.77 -15.06 9.75
C GLN A 354 15.20 -14.52 9.80
N PHE A 355 16.10 -15.33 10.38
CA PHE A 355 17.52 -15.04 10.35
C PHE A 355 18.14 -15.43 9.01
N HIS A 356 19.17 -14.70 8.58
CA HIS A 356 20.05 -15.19 7.53
C HIS A 356 20.74 -16.44 8.05
N PRO A 357 20.85 -17.49 7.23
CA PRO A 357 21.54 -18.71 7.67
C PRO A 357 23.04 -18.47 7.86
N VAL A 358 23.63 -19.10 8.88
CA VAL A 358 25.06 -18.95 9.14
C VAL A 358 25.81 -20.29 9.16
N GLY A 359 25.15 -21.34 9.69
CA GLY A 359 25.82 -22.63 9.91
C GLY A 359 26.42 -23.25 8.66
N ARG B 1 -30.38 -19.23 0.90
CA ARG B 1 -30.98 -18.36 1.98
C ARG B 1 -30.55 -16.91 1.84
N GLU B 2 -29.23 -16.68 1.87
CA GLU B 2 -28.64 -15.46 1.32
C GLU B 2 -27.62 -15.88 0.29
N VAL B 3 -27.43 -15.01 -0.69
CA VAL B 3 -26.44 -15.23 -1.74
C VAL B 3 -25.72 -13.92 -2.06
N LEU B 4 -24.39 -13.97 -2.06
CA LEU B 4 -23.59 -12.79 -2.37
C LEU B 4 -23.61 -12.50 -3.86
N THR B 5 -23.99 -11.27 -4.23
CA THR B 5 -23.99 -10.86 -5.62
C THR B 5 -23.05 -9.69 -5.92
N GLY B 6 -22.62 -9.64 -7.16
CA GLY B 6 -21.93 -8.47 -7.70
C GLY B 6 -22.74 -7.81 -8.79
N GLY B 7 -22.06 -6.96 -9.55
CA GLY B 7 -22.67 -6.24 -10.69
C GLY B 7 -23.45 -5.02 -10.28
N HIS B 8 -23.22 -4.54 -9.05
CA HIS B 8 -24.01 -3.45 -8.49
C HIS B 8 -23.47 -2.09 -8.83
N SER B 9 -24.33 -1.09 -8.78
CA SER B 9 -23.89 0.28 -8.98
C SER B 9 -23.76 1.03 -7.66
N VAL B 10 -23.09 2.18 -7.70
CA VAL B 10 -22.93 3.03 -6.56
C VAL B 10 -24.29 3.39 -6.00
N SER B 11 -24.42 3.34 -4.68
CA SER B 11 -25.74 3.42 -4.03
C SER B 11 -26.34 4.83 -4.01
N ALA B 12 -25.51 5.83 -3.90
CA ALA B 12 -25.95 7.22 -3.77
C ALA B 12 -26.00 7.87 -5.13
N PRO B 13 -26.89 8.85 -5.31
CA PRO B 13 -26.98 9.51 -6.60
C PRO B 13 -25.73 10.28 -6.94
N GLN B 14 -25.47 10.46 -8.24
CA GLN B 14 -24.28 11.14 -8.71
C GLN B 14 -24.09 12.50 -8.06
N GLU B 15 -25.20 13.22 -7.82
CA GLU B 15 -25.12 14.53 -7.21
C GLU B 15 -24.55 14.53 -5.80
N ASN B 16 -24.43 13.36 -5.16
CA ASN B 16 -23.91 13.31 -3.81
C ASN B 16 -22.43 12.95 -3.80
N ARG B 17 -21.82 12.69 -4.96
CA ARG B 17 -20.54 11.99 -4.97
C ARG B 17 -19.35 12.94 -5.08
N ILE B 18 -18.30 12.60 -4.33
CA ILE B 18 -17.01 13.23 -4.48
C ILE B 18 -15.94 12.17 -4.63
N TYR B 19 -14.79 12.59 -5.17
CA TYR B 19 -13.68 11.71 -5.55
C TYR B 19 -12.43 12.17 -4.87
N VAL B 20 -11.91 11.34 -3.96
CA VAL B 20 -10.72 11.67 -3.21
C VAL B 20 -9.58 10.84 -3.79
N MET B 21 -8.62 11.51 -4.42
CA MET B 21 -7.52 10.82 -5.10
C MET B 21 -6.45 10.50 -4.08
N ASP B 22 -6.37 9.24 -3.65
CA ASP B 22 -5.40 8.84 -2.63
C ASP B 22 -4.11 8.34 -3.29
N SER B 23 -3.06 9.16 -3.23
CA SER B 23 -1.77 8.75 -3.76
C SER B 23 -1.20 7.56 -3.02
N VAL B 24 -1.57 7.39 -1.76
CA VAL B 24 -0.95 6.33 -0.92
C VAL B 24 0.57 6.35 -1.10
N PHE B 25 1.17 7.52 -0.86
CA PHE B 25 2.59 7.73 -1.15
C PHE B 25 3.49 6.68 -0.50
N MET B 26 3.13 6.24 0.70
CA MET B 26 3.90 5.17 1.37
C MET B 26 3.91 3.86 0.60
N HIS B 27 2.89 3.65 -0.26
CA HIS B 27 2.78 2.48 -1.12
C HIS B 27 2.21 2.92 -2.45
N LEU B 28 2.99 3.74 -3.13
CA LEU B 28 2.52 4.55 -4.26
C LEU B 28 2.14 3.70 -5.46
N THR B 29 2.53 2.43 -5.48
CA THR B 29 2.06 1.52 -6.54
C THR B 29 0.63 1.06 -6.32
N GLU B 30 0.02 1.41 -5.19
CA GLU B 30 -1.40 1.07 -4.97
C GLU B 30 -2.26 2.27 -4.66
N SER B 31 -2.01 3.36 -5.39
CA SER B 31 -2.87 4.52 -5.37
C SER B 31 -4.26 4.14 -5.84
N ARG B 32 -5.23 4.94 -5.44
CA ARG B 32 -6.61 4.68 -5.79
C ARG B 32 -7.44 5.91 -5.59
N VAL B 33 -8.63 5.93 -6.23
CA VAL B 33 -9.64 6.94 -6.02
C VAL B 33 -10.70 6.38 -5.07
N HIS B 34 -10.96 7.12 -4.00
CA HIS B 34 -12.04 6.78 -3.05
C HIS B 34 -13.25 7.65 -3.38
N VAL B 35 -14.39 7.02 -3.55
CA VAL B 35 -15.65 7.69 -3.84
C VAL B 35 -16.46 7.80 -2.55
N TYR B 36 -16.89 9.02 -2.24
CA TYR B 36 -17.62 9.33 -1.02
C TYR B 36 -18.90 10.09 -1.32
N ASP B 37 -19.85 9.97 -0.40
CA ASP B 37 -21.06 10.80 -0.40
C ASP B 37 -20.79 11.98 0.53
N TYR B 38 -20.71 13.19 -0.03
CA TYR B 38 -20.36 14.34 0.79
C TYR B 38 -21.47 14.72 1.79
N THR B 39 -22.69 14.24 1.56
CA THR B 39 -23.82 14.62 2.45
C THR B 39 -23.84 13.92 3.79
N ASN B 40 -23.20 12.75 3.86
CA ASN B 40 -23.18 11.94 5.09
C ASN B 40 -21.87 11.22 5.36
N GLY B 41 -20.86 11.41 4.50
CA GLY B 41 -19.55 10.81 4.73
C GLY B 41 -19.43 9.32 4.40
N LYS B 42 -20.47 8.75 3.79
CA LYS B 42 -20.45 7.32 3.46
C LYS B 42 -19.48 7.00 2.33
N PHE B 43 -18.68 5.96 2.53
CA PHE B 43 -17.79 5.43 1.51
C PHE B 43 -18.61 4.62 0.52
N LEU B 44 -18.48 4.97 -0.76
CA LEU B 44 -19.34 4.43 -1.82
C LEU B 44 -18.63 3.42 -2.71
N GLY B 45 -17.31 3.47 -2.73
CA GLY B 45 -16.53 2.60 -3.61
C GLY B 45 -15.21 3.20 -3.98
N MET B 46 -14.48 2.54 -4.87
CA MET B 46 -13.14 2.99 -5.23
C MET B 46 -12.74 2.48 -6.61
N VAL B 47 -11.73 3.12 -7.17
CA VAL B 47 -11.14 2.70 -8.42
C VAL B 47 -9.63 2.61 -8.21
N PRO B 48 -9.05 1.42 -8.47
CA PRO B 48 -7.60 1.25 -8.35
C PRO B 48 -6.86 1.97 -9.46
N THR B 49 -5.74 2.62 -9.13
CA THR B 49 -4.99 3.38 -10.10
C THR B 49 -3.48 3.15 -10.06
N ALA B 50 -3.05 1.97 -9.58
CA ALA B 50 -1.68 1.51 -9.75
C ALA B 50 -0.68 2.60 -9.32
N PHE B 51 0.37 2.87 -10.09
CA PHE B 51 1.42 3.76 -9.60
C PHE B 51 1.06 5.24 -9.85
N ASN B 52 0.87 5.98 -8.77
CA ASN B 52 0.69 7.43 -8.87
C ASN B 52 -0.41 7.79 -9.87
N GLY B 53 -1.61 7.31 -9.60
CA GLY B 53 -2.72 7.58 -10.49
C GLY B 53 -3.12 9.05 -10.42
N HIS B 54 -3.71 9.52 -11.53
CA HIS B 54 -4.44 10.78 -11.56
C HIS B 54 -5.86 10.46 -12.01
N VAL B 55 -6.81 11.36 -11.73
CA VAL B 55 -8.22 11.05 -11.96
C VAL B 55 -8.99 12.30 -12.33
N GLN B 56 -10.00 12.14 -13.16
CA GLN B 56 -10.99 13.18 -13.37
C GLN B 56 -12.31 12.51 -13.75
N VAL B 57 -13.41 13.23 -13.65
CA VAL B 57 -14.71 12.68 -14.09
C VAL B 57 -15.04 13.33 -15.42
N SER B 58 -15.55 12.54 -16.35
CA SER B 58 -15.98 13.12 -17.64
C SER B 58 -16.96 14.28 -17.41
N ASN B 59 -16.88 15.29 -18.26
CA ASN B 59 -17.72 16.47 -18.10
C ASN B 59 -19.23 16.13 -18.17
N ASP B 60 -19.57 15.07 -18.88
CA ASP B 60 -20.96 14.61 -18.94
C ASP B 60 -21.39 13.74 -17.75
N GLY B 61 -20.46 13.47 -16.83
CA GLY B 61 -20.76 12.73 -15.62
C GLY B 61 -20.94 11.23 -15.75
N LYS B 62 -20.68 10.68 -16.94
CA LYS B 62 -20.95 9.26 -17.18
C LYS B 62 -19.76 8.36 -16.87
N LYS B 63 -18.54 8.90 -16.99
CA LYS B 63 -17.33 8.09 -16.90
C LYS B 63 -16.30 8.72 -15.97
N ILE B 64 -15.45 7.86 -15.44
CA ILE B 64 -14.26 8.29 -14.69
C ILE B 64 -13.05 7.99 -15.56
N TYR B 65 -12.18 8.97 -15.70
CA TYR B 65 -10.92 8.78 -16.40
C TYR B 65 -9.79 8.70 -15.39
N THR B 66 -8.92 7.73 -15.55
CA THR B 66 -7.69 7.68 -14.77
C THR B 66 -6.50 7.72 -15.69
N MET B 67 -5.37 8.08 -15.12
CA MET B 67 -4.10 8.05 -15.82
C MET B 67 -3.10 7.38 -14.88
N THR B 68 -2.35 6.41 -15.40
CA THR B 68 -1.44 5.69 -14.53
C THR B 68 -0.30 5.05 -15.32
N THR B 69 0.60 4.41 -14.59
CA THR B 69 1.74 3.72 -15.16
C THR B 69 1.76 2.29 -14.62
N TYR B 70 1.92 1.34 -15.54
CA TYR B 70 2.14 -0.07 -15.22
C TYR B 70 3.52 -0.49 -15.70
N HIS B 71 4.04 -1.55 -15.09
CA HIS B 71 5.16 -2.28 -15.67
C HIS B 71 4.85 -3.77 -15.61
N GLU B 72 5.41 -4.53 -16.54
CA GLU B 72 5.08 -5.96 -16.61
C GLU B 72 5.30 -6.65 -15.28
N ARG B 73 6.33 -6.26 -14.55
CA ARG B 73 6.64 -6.83 -13.24
C ARG B 73 6.81 -5.73 -12.18
N ILE B 74 6.07 -4.63 -12.39
CA ILE B 74 5.95 -3.51 -11.43
C ILE B 74 7.23 -2.71 -11.30
N THR B 75 8.25 -3.32 -10.68
CA THR B 75 9.57 -2.69 -10.50
C THR B 75 10.59 -3.10 -11.58
N ARG B 76 10.16 -3.91 -12.53
CA ARG B 76 10.96 -4.20 -13.71
C ARG B 76 10.02 -4.56 -14.88
N GLY B 77 10.55 -4.64 -16.09
CA GLY B 77 9.75 -5.01 -17.25
C GLY B 77 9.19 -3.79 -17.96
N LYS B 78 8.49 -4.03 -19.05
CA LYS B 78 8.09 -2.96 -19.97
C LYS B 78 7.11 -2.01 -19.32
N ARG B 79 7.33 -0.71 -19.53
CA ARG B 79 6.42 0.37 -19.05
C ARG B 79 5.22 0.57 -19.98
N SER B 80 4.04 0.72 -19.37
CA SER B 80 2.80 1.09 -20.09
C SER B 80 2.16 2.28 -19.35
N ASP B 81 2.22 3.45 -19.98
CA ASP B 81 1.46 4.62 -19.51
C ASP B 81 0.13 4.60 -20.23
N VAL B 82 -0.94 4.81 -19.48
CA VAL B 82 -2.28 4.68 -20.02
C VAL B 82 -3.24 5.73 -19.43
N VAL B 83 -4.28 6.02 -20.20
CA VAL B 83 -5.52 6.53 -19.65
C VAL B 83 -6.48 5.33 -19.60
N GLU B 84 -7.26 5.22 -18.54
CA GLU B 84 -8.34 4.25 -18.48
C GLU B 84 -9.67 4.94 -18.37
N VAL B 85 -10.66 4.37 -19.03
CA VAL B 85 -12.05 4.81 -18.93
C VAL B 85 -12.82 3.80 -18.12
N TRP B 86 -13.45 4.29 -17.07
CA TRP B 86 -14.22 3.48 -16.15
C TRP B 86 -15.66 3.98 -16.13
N ASP B 87 -16.61 3.07 -15.96
CA ASP B 87 -17.99 3.49 -15.77
C ASP B 87 -18.19 4.16 -14.41
N ALA B 88 -18.80 5.34 -14.38
CA ALA B 88 -18.96 6.07 -13.12
C ALA B 88 -19.91 5.40 -12.13
N ASP B 89 -20.95 4.71 -12.60
CA ASP B 89 -21.93 4.10 -11.71
C ASP B 89 -21.56 2.67 -11.29
N LYS B 90 -21.03 1.91 -12.23
CA LYS B 90 -20.59 0.54 -11.95
C LYS B 90 -19.16 0.47 -11.37
N LEU B 91 -18.38 1.53 -11.52
CA LEU B 91 -16.96 1.54 -11.10
C LEU B 91 -16.21 0.35 -11.66
N THR B 92 -16.45 0.08 -12.94
CA THR B 92 -15.78 -0.98 -13.66
C THR B 92 -14.97 -0.45 -14.83
N PHE B 93 -13.92 -1.19 -15.16
CA PHE B 93 -13.01 -0.83 -16.23
C PHE B 93 -13.66 -1.09 -17.58
N GLU B 94 -13.52 -0.13 -18.51
CA GLU B 94 -14.07 -0.29 -19.84
C GLU B 94 -13.02 -0.28 -20.94
N LYS B 95 -12.13 0.71 -20.95
CA LYS B 95 -11.15 0.90 -22.04
C LYS B 95 -9.81 1.39 -21.53
N GLU B 96 -8.76 0.94 -22.21
CA GLU B 96 -7.42 1.43 -21.99
C GLU B 96 -6.97 2.16 -23.25
N ILE B 97 -6.41 3.36 -23.04
CA ILE B 97 -5.85 4.18 -24.12
C ILE B 97 -4.35 4.30 -23.90
N SER B 98 -3.55 3.84 -24.86
CA SER B 98 -2.10 3.88 -24.69
C SER B 98 -1.57 5.28 -24.85
N LEU B 99 -0.64 5.64 -23.98
CA LEU B 99 0.09 6.90 -24.07
C LEU B 99 1.55 6.63 -24.35
N PRO B 100 2.27 7.62 -24.88
CA PRO B 100 3.73 7.53 -24.90
C PRO B 100 4.24 7.49 -23.46
N PRO B 101 5.35 6.80 -23.21
CA PRO B 101 5.84 6.57 -21.84
C PRO B 101 6.53 7.78 -21.21
N LYS B 102 5.76 8.86 -21.08
CA LYS B 102 6.24 10.09 -20.52
C LYS B 102 5.14 10.89 -19.86
N ARG B 103 4.05 10.24 -19.48
CA ARG B 103 3.00 10.96 -18.73
C ARG B 103 3.58 11.44 -17.40
N VAL B 104 3.12 12.60 -16.93
CA VAL B 104 3.70 13.20 -15.75
C VAL B 104 3.50 12.29 -14.56
N GLN B 105 4.61 12.00 -13.86
CA GLN B 105 4.54 11.34 -12.55
C GLN B 105 4.82 12.39 -11.50
N GLY B 106 3.81 12.69 -10.69
CA GLY B 106 3.86 13.82 -9.81
C GLY B 106 2.62 13.93 -8.98
N LEU B 107 2.66 14.85 -8.03
CA LEU B 107 1.55 15.09 -7.13
C LEU B 107 0.32 15.56 -7.91
N ASN B 108 -0.87 15.36 -7.31
CA ASN B 108 -2.13 15.48 -8.01
C ASN B 108 -2.71 16.90 -8.09
N TYR B 109 -1.96 17.79 -8.71
CA TYR B 109 -2.49 19.08 -9.13
C TYR B 109 -3.54 18.86 -10.23
N ASP B 110 -4.64 19.61 -10.14
CA ASP B 110 -5.72 19.46 -11.13
C ASP B 110 -5.18 19.56 -12.55
N GLY B 111 -4.27 20.51 -12.77
CA GLY B 111 -3.86 20.91 -14.11
C GLY B 111 -2.98 19.93 -14.84
N LEU B 112 -2.65 18.81 -14.20
CA LEU B 112 -1.83 17.78 -14.86
C LEU B 112 -2.66 16.82 -15.70
N PHE B 113 -3.99 16.82 -15.49
CA PHE B 113 -4.87 15.83 -16.12
C PHE B 113 -6.25 16.45 -16.21
N ARG B 114 -6.59 16.94 -17.40
CA ARG B 114 -7.81 17.76 -17.62
C ARG B 114 -8.54 17.30 -18.90
N GLN B 115 -9.60 18.03 -19.25
CA GLN B 115 -10.28 17.80 -20.52
C GLN B 115 -10.67 19.14 -21.13
N THR B 116 -10.84 19.16 -22.44
CA THR B 116 -11.44 20.34 -23.07
C THR B 116 -12.85 20.49 -22.55
N THR B 117 -13.39 21.69 -22.62
CA THR B 117 -14.70 21.93 -22.03
C THR B 117 -15.83 21.14 -22.70
N ASP B 118 -15.70 20.87 -24.00
CA ASP B 118 -16.69 20.03 -24.69
C ASP B 118 -16.60 18.54 -24.34
N GLY B 119 -15.58 18.15 -23.56
CA GLY B 119 -15.41 16.78 -23.12
C GLY B 119 -14.86 15.85 -24.18
N LYS B 120 -14.51 16.39 -25.35
CA LYS B 120 -14.11 15.52 -26.47
C LYS B 120 -12.64 15.10 -26.39
N PHE B 121 -11.83 15.85 -25.65
CA PHE B 121 -10.41 15.54 -25.53
C PHE B 121 -9.95 15.57 -24.09
N ILE B 122 -9.11 14.59 -23.75
CA ILE B 122 -8.35 14.59 -22.52
C ILE B 122 -7.03 15.26 -22.81
N VAL B 123 -6.64 16.16 -21.92
CA VAL B 123 -5.45 16.98 -22.12
C VAL B 123 -4.59 16.77 -20.90
N LEU B 124 -3.37 16.26 -21.11
CA LEU B 124 -2.54 15.85 -19.98
C LEU B 124 -1.13 16.38 -20.13
N GLN B 125 -0.43 16.48 -18.99
CA GLN B 125 0.93 16.94 -18.97
C GLN B 125 1.91 15.77 -19.13
N ASN B 126 2.88 15.93 -20.02
CA ASN B 126 4.01 14.99 -20.21
C ASN B 126 5.28 15.60 -19.67
N ALA B 127 6.19 14.75 -19.20
CA ALA B 127 7.55 15.18 -18.83
C ALA B 127 8.48 14.00 -19.04
N SER B 128 9.52 14.20 -19.83
CA SER B 128 10.42 13.10 -20.18
C SER B 128 11.90 13.20 -19.80
N PRO B 129 12.43 14.34 -19.32
CA PRO B 129 11.75 15.37 -18.56
C PRO B 129 11.36 16.60 -19.39
N ALA B 130 11.65 16.58 -20.70
CA ALA B 130 11.21 17.65 -21.58
C ALA B 130 9.70 17.66 -21.54
N THR B 131 9.10 18.84 -21.50
CA THR B 131 7.66 18.92 -21.33
C THR B 131 6.92 19.12 -22.64
N SER B 132 5.74 18.52 -22.71
CA SER B 132 4.80 18.72 -23.78
C SER B 132 3.43 18.41 -23.23
N ILE B 133 2.40 18.77 -23.97
CA ILE B 133 1.04 18.43 -23.59
C ILE B 133 0.50 17.36 -24.51
N GLY B 134 -0.11 16.32 -23.92
CA GLY B 134 -0.63 15.21 -24.69
C GLY B 134 -2.12 15.37 -24.88
N ILE B 135 -2.60 15.03 -26.08
CA ILE B 135 -4.02 15.08 -26.41
C ILE B 135 -4.53 13.68 -26.67
N VAL B 136 -5.61 13.33 -25.99
CA VAL B 136 -6.29 12.05 -26.20
C VAL B 136 -7.71 12.32 -26.70
N ASP B 137 -8.03 11.74 -27.85
CA ASP B 137 -9.36 11.84 -28.42
C ASP B 137 -10.21 10.75 -27.79
N VAL B 138 -11.23 11.19 -27.04
CA VAL B 138 -12.08 10.27 -26.26
C VAL B 138 -12.90 9.34 -27.17
N ALA B 139 -13.50 9.91 -28.20
CA ALA B 139 -14.31 9.13 -29.11
C ALA B 139 -13.51 8.05 -29.83
N LYS B 140 -12.30 8.40 -30.27
CA LYS B 140 -11.41 7.45 -30.94
C LYS B 140 -10.79 6.45 -29.99
N GLY B 141 -10.51 6.88 -28.77
CA GLY B 141 -9.77 6.02 -27.84
C GLY B 141 -8.30 5.95 -28.19
N ASP B 142 -7.75 7.08 -28.64
CA ASP B 142 -6.34 7.17 -29.01
C ASP B 142 -5.71 8.50 -28.64
N TYR B 143 -4.41 8.45 -28.37
CA TYR B 143 -3.55 9.61 -28.33
C TYR B 143 -3.40 10.19 -29.74
N VAL B 144 -3.58 11.50 -29.88
CA VAL B 144 -3.67 12.11 -31.21
C VAL B 144 -2.74 13.32 -31.52
N GLU B 145 -1.95 13.75 -30.54
CA GLU B 145 -1.20 15.02 -30.69
C GLU B 145 -0.25 15.16 -29.48
N ASP B 146 1.05 15.32 -29.73
CA ASP B 146 2.02 15.89 -28.75
C ASP B 146 2.04 17.38 -29.04
N VAL B 147 1.68 18.22 -28.06
CA VAL B 147 1.76 19.65 -28.25
C VAL B 147 3.17 20.13 -27.84
N THR B 148 4.10 20.10 -28.79
CA THR B 148 5.50 20.42 -28.49
C THR B 148 5.71 21.93 -28.29
N ALA B 149 4.77 22.73 -28.79
CA ALA B 149 4.74 24.18 -28.58
C ALA B 149 4.80 24.54 -27.09
N ALA B 150 4.34 23.62 -26.22
CA ALA B 150 4.25 23.85 -24.79
C ALA B 150 5.55 23.49 -24.05
N ALA B 151 6.60 23.18 -24.80
CA ALA B 151 7.88 22.92 -24.19
C ALA B 151 8.27 24.10 -23.28
N GLY B 152 8.74 23.81 -22.07
CA GLY B 152 9.07 24.84 -21.11
C GLY B 152 7.90 25.43 -20.35
N CYS B 153 6.71 24.90 -20.59
CA CYS B 153 5.51 25.32 -19.89
C CYS B 153 5.04 24.21 -18.97
N TRP B 154 4.00 24.48 -18.18
CA TRP B 154 3.52 23.51 -17.22
C TRP B 154 2.05 23.71 -16.88
N SER B 155 1.33 22.59 -16.95
CA SER B 155 -0.07 22.46 -16.50
C SER B 155 -1.08 22.96 -17.54
N VAL B 156 -2.31 22.49 -17.39
CA VAL B 156 -3.36 22.71 -18.38
C VAL B 156 -4.51 23.41 -17.69
N ILE B 157 -4.90 24.58 -18.22
CA ILE B 157 -6.06 25.32 -17.73
C ILE B 157 -7.09 25.41 -18.86
N PRO B 158 -8.13 24.58 -18.84
CA PRO B 158 -9.14 24.64 -19.90
C PRO B 158 -9.88 25.96 -19.84
N GLN B 159 -10.27 26.48 -21.00
CA GLN B 159 -11.11 27.69 -21.06
C GLN B 159 -12.58 27.27 -21.06
N PRO B 160 -13.34 27.57 -19.99
CA PRO B 160 -14.73 27.11 -19.94
C PRO B 160 -15.70 27.73 -20.97
N ASN B 161 -15.25 28.75 -21.69
CA ASN B 161 -16.07 29.45 -22.68
C ASN B 161 -15.78 29.07 -24.13
N ARG B 162 -14.94 28.05 -24.33
CA ARG B 162 -14.69 27.52 -25.67
C ARG B 162 -14.64 25.99 -25.63
N PRO B 163 -14.98 25.34 -26.72
CA PRO B 163 -15.07 23.88 -26.72
C PRO B 163 -13.76 23.13 -26.60
N ARG B 164 -12.71 23.64 -27.24
CA ARG B 164 -11.48 22.87 -27.39
C ARG B 164 -10.22 23.72 -27.24
N SER B 165 -10.23 24.61 -26.24
CA SER B 165 -9.14 25.51 -25.99
C SER B 165 -8.67 25.40 -24.55
N PHE B 166 -7.37 25.57 -24.38
CA PHE B 166 -6.78 25.56 -23.03
C PHE B 166 -5.53 26.39 -23.02
N MET B 167 -5.06 26.69 -21.81
CA MET B 167 -3.87 27.48 -21.60
C MET B 167 -2.86 26.73 -20.77
N THR B 168 -1.60 27.17 -20.86
CA THR B 168 -0.56 26.61 -20.00
C THR B 168 0.35 27.74 -19.56
N ILE B 169 1.00 27.56 -18.41
CA ILE B 169 1.85 28.59 -17.82
C ILE B 169 3.26 28.35 -18.26
N CYS B 170 3.89 29.39 -18.81
CA CYS B 170 5.21 29.21 -19.40
C CYS B 170 6.35 29.87 -18.63
N GLY B 171 7.55 29.41 -18.91
CA GLY B 171 8.74 29.86 -18.18
C GLY B 171 9.12 31.30 -18.41
N ASP B 172 8.50 31.95 -19.39
CA ASP B 172 8.66 33.39 -19.62
C ASP B 172 7.70 34.26 -18.77
N GLY B 173 6.89 33.65 -17.92
CA GLY B 173 5.93 34.39 -17.11
C GLY B 173 4.62 34.73 -17.82
N GLY B 174 4.40 34.13 -18.99
CA GLY B 174 3.17 34.35 -19.76
C GLY B 174 2.40 33.06 -19.92
N LEU B 175 1.27 33.13 -20.63
CA LEU B 175 0.43 31.98 -20.92
C LEU B 175 0.44 31.67 -22.39
N LEU B 176 0.48 30.38 -22.72
CA LEU B 176 0.33 29.92 -24.10
C LEU B 176 -1.06 29.33 -24.21
N THR B 177 -1.82 29.79 -25.20
CA THR B 177 -3.15 29.28 -25.46
C THR B 177 -3.10 28.41 -26.67
N ILE B 178 -3.74 27.25 -26.56
CA ILE B 178 -3.82 26.28 -27.64
C ILE B 178 -5.27 26.07 -27.98
N ASN B 179 -5.59 26.20 -29.26
CA ASN B 179 -6.93 25.95 -29.75
C ASN B 179 -6.88 24.73 -30.65
N LEU B 180 -7.58 23.66 -30.27
CA LEU B 180 -7.52 22.42 -31.02
C LEU B 180 -8.55 22.44 -32.14
N GLY B 181 -8.20 21.81 -33.24
CA GLY B 181 -9.16 21.45 -34.25
C GLY B 181 -10.04 20.29 -33.81
N GLU B 182 -11.03 19.96 -34.61
CA GLU B 182 -11.93 18.85 -34.29
C GLU B 182 -11.22 17.48 -34.35
N ASP B 183 -10.02 17.45 -34.91
CA ASP B 183 -9.20 16.25 -34.96
C ASP B 183 -8.22 16.17 -33.79
N GLY B 184 -8.29 17.12 -32.88
CA GLY B 184 -7.42 17.13 -31.70
C GLY B 184 -6.03 17.63 -31.94
N LYS B 185 -5.75 18.10 -33.15
CA LYS B 185 -4.45 18.67 -33.46
C LYS B 185 -4.53 20.17 -33.24
N VAL B 186 -3.39 20.81 -33.06
CA VAL B 186 -3.36 22.25 -32.86
C VAL B 186 -3.83 22.98 -34.13
N ALA B 187 -4.88 23.79 -33.98
CA ALA B 187 -5.42 24.60 -35.07
C ALA B 187 -4.81 25.99 -35.05
N SER B 188 -4.68 26.56 -33.85
CA SER B 188 -4.04 27.85 -33.68
C SER B 188 -3.51 27.97 -32.28
N GLN B 189 -2.67 28.95 -32.07
CA GLN B 189 -2.09 29.20 -30.76
C GLN B 189 -1.75 30.67 -30.61
N SER B 190 -1.61 31.11 -29.37
CA SER B 190 -1.15 32.46 -29.09
C SER B 190 -0.47 32.51 -27.75
N ARG B 191 0.37 33.52 -27.57
CA ARG B 191 1.13 33.68 -26.35
C ARG B 191 0.82 35.05 -25.80
N SER B 192 0.47 35.12 -24.51
CA SER B 192 0.17 36.39 -23.88
C SER B 192 1.41 37.20 -23.67
N LYS B 193 1.21 38.46 -23.29
CA LYS B 193 2.28 39.25 -22.69
C LYS B 193 2.65 38.67 -21.35
N GLN B 194 3.81 39.04 -20.84
CA GLN B 194 4.24 38.56 -19.55
C GLN B 194 3.24 38.96 -18.48
N MET B 195 2.80 37.98 -17.70
CA MET B 195 1.85 38.20 -16.63
C MET B 195 2.56 38.44 -15.30
N PHE B 196 3.51 37.56 -14.97
CA PHE B 196 4.23 37.66 -13.70
C PHE B 196 5.71 37.51 -13.90
N SER B 197 6.48 38.00 -12.93
CA SER B 197 7.90 37.81 -12.90
C SER B 197 8.21 36.45 -12.28
N VAL B 198 8.79 35.57 -13.08
CA VAL B 198 9.12 34.22 -12.63
C VAL B 198 10.08 34.30 -11.45
N LYS B 199 11.08 35.17 -11.54
CA LYS B 199 12.10 35.31 -10.50
C LYS B 199 11.60 36.04 -9.27
N ASP B 200 10.81 37.09 -9.45
CA ASP B 200 10.48 38.00 -8.36
C ASP B 200 9.13 37.75 -7.70
N ASP B 201 8.21 37.09 -8.41
CA ASP B 201 6.86 36.89 -7.88
C ASP B 201 6.21 35.65 -8.50
N PRO B 202 6.81 34.50 -8.28
CA PRO B 202 6.28 33.28 -8.88
C PRO B 202 4.85 32.99 -8.40
N ILE B 203 4.01 32.54 -9.34
CA ILE B 203 2.65 32.15 -9.02
C ILE B 203 2.55 30.66 -8.77
N PHE B 204 1.58 30.31 -7.94
CA PHE B 204 1.13 28.94 -7.83
C PHE B 204 0.42 28.61 -9.13
N ILE B 205 0.55 27.37 -9.59
CA ILE B 205 -0.09 26.98 -10.85
C ILE B 205 -1.62 26.85 -10.78
N ALA B 206 -2.18 26.63 -9.59
CA ALA B 206 -3.60 26.36 -9.45
C ALA B 206 -4.43 27.59 -9.83
N PRO B 207 -5.32 27.49 -10.83
CA PRO B 207 -6.15 28.63 -11.15
C PRO B 207 -7.41 28.74 -10.30
N ALA B 208 -7.83 29.98 -10.08
CA ALA B 208 -9.19 30.26 -9.61
C ALA B 208 -9.96 30.63 -10.87
N LEU B 209 -10.70 29.66 -11.40
CA LEU B 209 -11.12 29.71 -12.79
C LEU B 209 -12.56 30.16 -12.91
N ASP B 210 -12.75 31.26 -13.65
CA ASP B 210 -14.06 31.73 -14.04
C ASP B 210 -14.39 31.27 -15.46
N LYS B 211 -15.56 31.64 -15.93
CA LYS B 211 -16.01 31.26 -17.25
C LYS B 211 -15.08 31.78 -18.34
N ASP B 212 -14.57 33.01 -18.14
CA ASP B 212 -13.77 33.72 -19.15
C ASP B 212 -12.50 34.36 -18.62
N LYS B 213 -12.11 34.02 -17.39
CA LYS B 213 -10.89 34.54 -16.84
C LYS B 213 -10.38 33.60 -15.77
N ALA B 214 -9.07 33.65 -15.54
CA ALA B 214 -8.46 32.85 -14.48
C ALA B 214 -7.64 33.77 -13.60
N HIS B 215 -7.73 33.56 -12.29
CA HIS B 215 -6.90 34.28 -11.31
C HIS B 215 -5.88 33.33 -10.70
N PHE B 216 -4.70 33.86 -10.41
CA PHE B 216 -3.60 33.11 -9.83
C PHE B 216 -3.04 33.89 -8.65
N VAL B 217 -2.63 33.18 -7.61
CA VAL B 217 -2.00 33.83 -6.46
C VAL B 217 -0.50 33.54 -6.46
N SER B 218 0.29 34.42 -5.84
CA SER B 218 1.73 34.29 -5.84
C SER B 218 2.27 33.88 -4.49
N TYR B 219 3.54 33.47 -4.51
CA TYR B 219 4.28 33.11 -3.31
C TYR B 219 4.22 34.21 -2.24
N TYR B 220 4.10 35.45 -2.70
CA TYR B 220 4.11 36.61 -1.78
C TYR B 220 2.73 37.24 -1.56
N GLY B 221 1.67 36.54 -1.98
CA GLY B 221 0.32 36.98 -1.73
C GLY B 221 -0.23 38.01 -2.70
N ASN B 222 0.35 38.10 -3.90
CA ASN B 222 -0.25 38.91 -4.98
C ASN B 222 -1.21 38.08 -5.84
N VAL B 223 -2.03 38.79 -6.61
CA VAL B 223 -3.01 38.16 -7.49
C VAL B 223 -2.79 38.65 -8.91
N TYR B 224 -2.78 37.71 -9.86
CA TYR B 224 -2.65 37.96 -11.29
C TYR B 224 -3.88 37.37 -11.99
N SER B 225 -4.22 37.95 -13.12
CA SER B 225 -5.43 37.54 -13.85
C SER B 225 -5.12 37.39 -15.34
N ALA B 226 -5.71 36.37 -15.94
CA ALA B 226 -5.68 36.15 -17.38
C ALA B 226 -7.13 36.14 -17.91
N ASP B 227 -7.47 37.11 -18.75
CA ASP B 227 -8.84 37.23 -19.28
C ASP B 227 -8.85 36.66 -20.68
N PHE B 228 -9.67 35.63 -20.90
CA PHE B 228 -9.76 35.00 -22.21
C PHE B 228 -11.19 35.08 -22.74
N SER B 229 -11.84 36.21 -22.48
CA SER B 229 -13.12 36.51 -23.11
C SER B 229 -12.92 36.61 -24.63
N GLY B 230 -11.74 37.07 -25.05
CA GLY B 230 -11.39 37.14 -26.47
C GLY B 230 -10.36 36.10 -26.90
N ASP B 231 -10.01 36.11 -28.18
CA ASP B 231 -9.11 35.11 -28.74
C ASP B 231 -7.70 35.26 -28.21
N GLU B 232 -7.32 36.50 -27.93
CA GLU B 232 -6.04 36.83 -27.33
C GLU B 232 -6.22 37.05 -25.83
N VAL B 233 -5.37 36.41 -25.03
CA VAL B 233 -5.47 36.49 -23.59
C VAL B 233 -4.85 37.82 -23.12
N LYS B 234 -5.60 38.57 -22.32
CA LYS B 234 -5.12 39.82 -21.72
C LYS B 234 -4.76 39.57 -20.25
N VAL B 235 -3.57 39.97 -19.85
CA VAL B 235 -3.09 39.68 -18.50
C VAL B 235 -2.96 40.95 -17.67
N ASP B 236 -3.07 40.80 -16.36
CA ASP B 236 -2.99 41.94 -15.45
C ASP B 236 -2.52 41.47 -14.07
N GLY B 237 -2.19 42.45 -13.22
CA GLY B 237 -1.68 42.20 -11.88
C GLY B 237 -0.26 42.72 -11.75
N PRO B 238 0.21 42.89 -10.52
CA PRO B 238 -0.38 42.29 -9.33
C PRO B 238 -1.33 43.23 -8.59
N TRP B 239 -2.33 42.66 -7.92
CA TRP B 239 -2.92 43.29 -6.73
C TRP B 239 -2.71 42.38 -5.52
N SER B 240 -2.65 42.97 -4.33
CA SER B 240 -2.24 42.22 -3.15
C SER B 240 -3.44 41.68 -2.37
N LEU B 241 -3.31 40.44 -1.90
CA LEU B 241 -4.29 39.84 -1.00
C LEU B 241 -4.25 40.47 0.38
N LEU B 242 -3.15 41.17 0.66
CA LEU B 242 -2.75 41.57 2.01
C LEU B 242 -3.08 43.04 2.26
N ASN B 243 -3.62 43.33 3.42
CA ASN B 243 -3.61 44.68 3.96
C ASN B 243 -2.37 44.88 4.86
N ASP B 244 -2.33 46.01 5.55
CA ASP B 244 -1.15 46.43 6.30
C ASP B 244 -0.94 45.51 7.52
N GLU B 245 -2.03 45.22 8.21
CA GLU B 245 -2.02 44.29 9.36
C GLU B 245 -1.54 42.90 8.94
N ASP B 246 -2.00 42.46 7.78
CA ASP B 246 -1.62 41.14 7.28
C ASP B 246 -0.13 41.08 7.06
N LYS B 247 0.42 42.17 6.51
CA LYS B 247 1.85 42.24 6.19
C LYS B 247 2.71 42.14 7.46
N ALA B 248 2.17 42.60 8.58
CA ALA B 248 2.91 42.59 9.87
C ALA B 248 3.16 41.19 10.40
N LYS B 249 2.24 40.26 10.13
CA LYS B 249 2.40 38.85 10.51
C LYS B 249 2.86 37.98 9.32
N ASN B 250 3.24 38.62 8.22
CA ASN B 250 3.85 37.95 7.06
C ASN B 250 2.95 36.86 6.46
N TRP B 251 1.66 37.15 6.36
CA TRP B 251 0.70 36.23 5.77
C TRP B 251 1.03 36.01 4.30
N VAL B 252 1.00 34.74 3.88
CA VAL B 252 1.19 34.38 2.47
C VAL B 252 0.35 33.14 2.17
N PRO B 253 0.10 32.86 0.90
CA PRO B 253 -0.62 31.64 0.55
C PRO B 253 0.27 30.41 0.73
N GLY B 254 -0.38 29.27 0.90
CA GLY B 254 0.32 28.01 0.83
C GLY B 254 -0.63 26.88 0.61
N GLY B 255 -0.13 25.85 -0.05
CA GLY B 255 -0.90 24.66 -0.32
C GLY B 255 -0.58 24.10 -1.67
N TYR B 256 -1.51 23.29 -2.19
CA TYR B 256 -1.32 22.59 -3.46
C TYR B 256 -2.40 23.02 -4.42
N ASN B 257 -3.58 22.37 -4.37
CA ASN B 257 -4.75 22.89 -5.11
C ASN B 257 -5.40 23.93 -4.20
N LEU B 258 -4.74 25.08 -4.09
CA LEU B 258 -4.94 26.01 -2.95
C LEU B 258 -5.92 27.15 -3.13
N VAL B 259 -6.46 27.29 -4.33
CA VAL B 259 -7.49 28.31 -4.58
C VAL B 259 -8.75 27.76 -5.25
N GLY B 260 -9.79 28.58 -5.26
CA GLY B 260 -11.02 28.26 -5.89
C GLY B 260 -11.78 29.53 -6.19
N LEU B 261 -12.73 29.46 -7.10
CA LEU B 261 -13.55 30.62 -7.43
C LEU B 261 -15.00 30.21 -7.41
N HIS B 262 -15.83 31.03 -6.75
CA HIS B 262 -17.26 30.86 -6.79
C HIS B 262 -17.75 31.83 -7.87
N ARG B 263 -18.15 31.29 -9.01
CA ARG B 263 -18.26 32.12 -10.21
C ARG B 263 -19.38 33.16 -10.16
N ALA B 264 -20.49 32.80 -9.53
CA ALA B 264 -21.65 33.71 -9.47
C ALA B 264 -21.33 34.97 -8.72
N SER B 265 -20.51 34.84 -7.67
CA SER B 265 -20.21 35.97 -6.77
C SER B 265 -18.87 36.62 -7.03
N GLY B 266 -17.98 35.93 -7.73
CA GLY B 266 -16.63 36.41 -7.96
C GLY B 266 -15.71 36.24 -6.75
N ARG B 267 -16.17 35.48 -5.75
CA ARG B 267 -15.37 35.24 -4.55
C ARG B 267 -14.29 34.22 -4.83
N MET B 268 -13.06 34.57 -4.47
CA MET B 268 -11.94 33.65 -4.60
C MET B 268 -11.55 33.20 -3.21
N TYR B 269 -11.31 31.90 -3.08
CA TYR B 269 -10.96 31.26 -1.82
C TYR B 269 -9.49 30.87 -1.90
N VAL B 270 -8.73 31.19 -0.85
CA VAL B 270 -7.27 30.97 -0.85
C VAL B 270 -6.81 30.48 0.54
N PHE B 271 -5.98 29.42 0.56
CA PHE B 271 -5.37 28.98 1.81
C PHE B 271 -4.19 29.85 2.16
N MET B 272 -4.14 30.31 3.42
CA MET B 272 -3.13 31.24 3.88
C MET B 272 -2.54 30.81 5.23
N HIS B 273 -1.31 31.24 5.48
CA HIS B 273 -0.67 31.03 6.76
C HIS B 273 0.21 32.25 7.10
N PRO B 274 0.39 32.49 8.40
CA PRO B 274 1.27 33.55 8.83
C PRO B 274 2.73 33.14 8.85
N ASP B 275 3.62 34.08 9.14
CA ASP B 275 5.05 33.82 9.24
C ASP B 275 5.62 33.25 7.95
N GLY B 276 5.13 33.77 6.82
CA GLY B 276 5.64 33.40 5.53
C GLY B 276 7.09 33.76 5.35
N LYS B 277 7.83 32.86 4.71
CA LYS B 277 9.19 33.10 4.30
C LYS B 277 9.56 32.08 3.23
N GLU B 278 10.75 32.20 2.68
CA GLU B 278 11.22 31.26 1.69
C GLU B 278 11.06 29.83 2.22
N GLY B 279 10.27 29.04 1.49
CA GLY B 279 10.11 27.62 1.79
C GLY B 279 8.82 27.24 2.48
N THR B 280 7.90 28.20 2.65
CA THR B 280 6.62 27.92 3.29
C THR B 280 5.43 27.81 2.32
N HIS B 281 5.70 27.75 1.02
CA HIS B 281 4.62 27.84 0.03
C HIS B 281 3.70 26.62 -0.01
N LYS B 282 4.10 25.52 0.62
CA LYS B 282 3.26 24.31 0.68
C LYS B 282 2.77 24.03 2.10
N PHE B 283 2.87 25.03 2.99
CA PHE B 283 2.40 24.87 4.37
C PHE B 283 0.88 24.74 4.45
N PRO B 284 0.38 23.92 5.38
CA PRO B 284 -1.05 23.84 5.65
C PRO B 284 -1.69 25.20 5.98
N ALA B 285 -2.95 25.34 5.61
CA ALA B 285 -3.70 26.56 5.87
C ALA B 285 -3.91 26.82 7.35
N ALA B 286 -3.46 27.98 7.83
CA ALA B 286 -3.91 28.52 9.10
C ALA B 286 -5.33 29.07 8.95
N GLU B 287 -5.61 29.64 7.76
CA GLU B 287 -6.90 30.22 7.50
C GLU B 287 -7.25 30.04 6.02
N ILE B 288 -8.54 30.13 5.73
CA ILE B 288 -9.02 30.32 4.37
C ILE B 288 -9.48 31.76 4.27
N TRP B 289 -8.95 32.49 3.32
CA TRP B 289 -9.43 33.85 3.05
C TRP B 289 -10.40 33.83 1.89
N VAL B 290 -11.42 34.67 1.98
CA VAL B 290 -12.41 34.83 0.92
C VAL B 290 -12.28 36.25 0.37
N MET B 291 -11.93 36.35 -0.92
CA MET B 291 -11.59 37.61 -1.57
C MET B 291 -12.65 37.95 -2.58
N ASP B 292 -13.12 39.19 -2.56
CA ASP B 292 -13.97 39.68 -3.64
C ASP B 292 -13.03 40.13 -4.75
N THR B 293 -13.05 39.45 -5.90
CA THR B 293 -12.09 39.75 -6.96
C THR B 293 -12.44 41.02 -7.74
N LYS B 294 -13.69 41.47 -7.59
CA LYS B 294 -14.14 42.74 -8.17
C LYS B 294 -13.64 43.94 -7.33
N THR B 295 -13.89 43.91 -6.04
CA THR B 295 -13.46 45.03 -5.17
C THR B 295 -11.99 44.89 -4.75
N LYS B 296 -11.41 43.71 -4.96
CA LYS B 296 -10.03 43.40 -4.59
C LYS B 296 -9.80 43.49 -3.08
N GLN B 297 -10.79 43.05 -2.33
CA GLN B 297 -10.77 43.10 -0.87
C GLN B 297 -11.17 41.77 -0.27
N ARG B 298 -10.65 41.48 0.92
CA ARG B 298 -11.06 40.32 1.68
C ARG B 298 -12.44 40.55 2.31
N VAL B 299 -13.34 39.57 2.18
CA VAL B 299 -14.69 39.67 2.74
C VAL B 299 -14.92 38.70 3.91
N ALA B 300 -14.01 37.73 4.10
CA ALA B 300 -14.12 36.76 5.18
C ALA B 300 -12.80 36.06 5.40
N ARG B 301 -12.58 35.59 6.63
CA ARG B 301 -11.48 34.71 6.95
C ARG B 301 -11.99 33.72 8.01
N ILE B 302 -11.61 32.44 7.85
CA ILE B 302 -12.02 31.40 8.79
C ILE B 302 -10.84 30.48 9.03
N PRO B 303 -10.88 29.70 10.11
CA PRO B 303 -9.80 28.78 10.40
C PRO B 303 -9.69 27.74 9.29
N GLY B 304 -8.46 27.35 8.99
CA GLY B 304 -8.16 26.49 7.82
C GLY B 304 -8.17 25.00 8.08
N ARG B 305 -8.11 24.60 9.34
CA ARG B 305 -8.09 23.19 9.71
C ARG B 305 -6.99 22.45 8.96
N ASP B 306 -5.82 23.09 8.81
CA ASP B 306 -4.63 22.45 8.22
C ASP B 306 -4.83 22.01 6.77
N ALA B 307 -5.80 22.60 6.07
CA ALA B 307 -6.10 22.16 4.72
C ALA B 307 -4.97 22.50 3.75
N LEU B 308 -4.86 21.68 2.70
CA LEU B 308 -3.84 21.86 1.68
C LEU B 308 -4.43 22.04 0.28
N SER B 309 -5.57 21.41 0.03
CA SER B 309 -6.22 21.46 -1.26
C SER B 309 -7.73 21.66 -1.10
N MET B 310 -8.37 22.19 -2.14
CA MET B 310 -9.80 22.45 -2.12
C MET B 310 -10.39 22.21 -3.47
N THR B 311 -11.70 22.28 -3.52
CA THR B 311 -12.44 22.36 -4.77
C THR B 311 -13.82 22.97 -4.52
N ILE B 312 -14.44 23.52 -5.57
CA ILE B 312 -15.68 24.28 -5.44
C ILE B 312 -16.76 23.66 -6.30
N ASP B 313 -17.97 23.55 -5.74
CA ASP B 313 -19.15 23.24 -6.54
C ASP B 313 -20.00 24.50 -6.73
N GLN B 314 -20.18 24.91 -7.98
CA GLN B 314 -20.85 26.17 -8.29
C GLN B 314 -22.34 26.12 -7.96
N GLN B 315 -22.99 25.05 -8.37
CA GLN B 315 -24.45 24.95 -8.35
C GLN B 315 -25.02 24.82 -6.92
N ARG B 316 -24.29 24.08 -6.08
CA ARG B 316 -24.71 23.84 -4.70
C ARG B 316 -24.01 24.78 -3.72
N ASN B 317 -23.12 25.64 -4.21
CA ASN B 317 -22.42 26.63 -3.36
C ASN B 317 -21.68 25.93 -2.24
N LEU B 318 -20.78 25.02 -2.63
CA LEU B 318 -20.00 24.26 -1.68
C LEU B 318 -18.52 24.34 -1.97
N MET B 319 -17.75 24.26 -0.88
CA MET B 319 -16.30 24.15 -0.95
C MET B 319 -15.90 22.94 -0.15
N LEU B 320 -15.06 22.09 -0.73
CA LEU B 320 -14.42 21.01 0.01
C LEU B 320 -13.02 21.42 0.29
N THR B 321 -12.54 21.12 1.49
CA THR B 321 -11.12 21.20 1.79
C THR B 321 -10.58 19.87 2.27
N LEU B 322 -9.27 19.72 2.13
CA LEU B 322 -8.61 18.43 2.35
C LEU B 322 -7.24 18.69 2.96
N ASP B 323 -6.95 17.99 4.07
CA ASP B 323 -5.70 18.21 4.80
C ASP B 323 -4.70 17.06 4.55
N GLY B 324 -5.04 16.18 3.61
CA GLY B 324 -4.26 14.98 3.32
C GLY B 324 -4.98 13.70 3.68
N GLY B 325 -5.81 13.74 4.72
CA GLY B 325 -6.58 12.57 5.15
C GLY B 325 -8.08 12.76 5.35
N ASN B 326 -8.46 14.00 5.70
CA ASN B 326 -9.80 14.34 6.08
C ASN B 326 -10.36 15.37 5.12
N VAL B 327 -11.63 15.24 4.79
CA VAL B 327 -12.32 16.18 3.90
C VAL B 327 -13.34 16.99 4.69
N ASN B 328 -13.27 18.31 4.58
CA ASN B 328 -14.26 19.20 5.20
C ASN B 328 -15.21 19.74 4.16
N VAL B 329 -16.47 19.82 4.51
CA VAL B 329 -17.52 20.29 3.59
C VAL B 329 -18.02 21.64 4.12
N TYR B 330 -17.94 22.67 3.27
CA TYR B 330 -18.36 24.03 3.66
C TYR B 330 -19.49 24.51 2.75
N ASP B 331 -20.42 25.24 3.35
CA ASP B 331 -21.46 25.97 2.64
C ASP B 331 -20.88 27.36 2.38
N ILE B 332 -20.76 27.73 1.10
CA ILE B 332 -20.21 29.03 0.72
C ILE B 332 -21.26 29.90 0.00
N SER B 333 -22.53 29.68 0.34
CA SER B 333 -23.62 30.47 -0.24
C SER B 333 -23.61 31.94 0.23
N GLN B 334 -22.99 32.18 1.39
CA GLN B 334 -22.74 33.54 1.88
C GLN B 334 -21.24 33.80 1.92
N PRO B 335 -20.84 35.07 2.00
CA PRO B 335 -19.42 35.40 2.09
C PRO B 335 -18.64 34.64 3.17
N GLU B 336 -19.22 34.46 4.36
CA GLU B 336 -18.57 33.64 5.38
C GLU B 336 -18.95 32.17 5.22
N PRO B 337 -17.95 31.32 4.93
CA PRO B 337 -18.22 29.90 4.80
C PRO B 337 -18.66 29.31 6.13
N LYS B 338 -19.51 28.30 6.07
CA LYS B 338 -19.98 27.57 7.26
C LYS B 338 -19.59 26.11 7.12
N LEU B 339 -18.87 25.59 8.11
CA LEU B 339 -18.50 24.18 8.13
C LEU B 339 -19.71 23.30 8.42
N LEU B 340 -20.00 22.38 7.50
CA LEU B 340 -21.11 21.47 7.63
C LEU B 340 -20.72 20.14 8.26
N ARG B 341 -19.61 19.57 7.81
CA ARG B 341 -19.13 18.29 8.36
C ARG B 341 -17.71 18.00 7.93
N THR B 342 -17.11 17.03 8.62
CA THR B 342 -15.80 16.53 8.30
C THR B 342 -15.92 15.03 8.05
N ILE B 343 -15.28 14.55 6.99
CA ILE B 343 -15.20 13.14 6.67
C ILE B 343 -13.79 12.71 7.05
N GLU B 344 -13.69 11.92 8.12
CA GLU B 344 -12.41 11.52 8.65
C GLU B 344 -11.90 10.29 7.93
N GLY B 345 -10.61 10.28 7.61
CA GLY B 345 -9.95 9.10 7.05
C GLY B 345 -10.42 8.77 5.65
N ALA B 346 -10.72 9.81 4.89
CA ALA B 346 -11.07 9.67 3.49
C ALA B 346 -9.89 9.21 2.63
N ALA B 347 -8.67 9.43 3.10
CA ALA B 347 -7.48 9.01 2.39
C ALA B 347 -6.32 8.91 3.37
N GLU B 348 -5.26 8.21 2.94
CA GLU B 348 -4.00 8.26 3.68
C GLU B 348 -3.11 9.40 3.25
N ALA B 349 -3.10 9.71 1.95
CA ALA B 349 -2.22 10.71 1.39
C ALA B 349 -2.84 11.29 0.13
N SER B 350 -3.84 12.14 0.31
CA SER B 350 -4.49 12.79 -0.82
C SER B 350 -4.23 14.29 -0.83
N LEU B 351 -3.98 14.84 -2.03
CA LEU B 351 -3.88 16.29 -2.23
C LEU B 351 -4.89 16.77 -3.28
N GLN B 352 -5.90 15.93 -3.57
CA GLN B 352 -6.92 16.33 -4.55
C GLN B 352 -8.27 15.70 -4.26
N VAL B 353 -9.31 16.54 -4.20
CA VAL B 353 -10.69 16.09 -4.14
C VAL B 353 -11.48 16.82 -5.24
N GLN B 354 -12.49 16.14 -5.80
CA GLN B 354 -13.31 16.71 -6.87
C GLN B 354 -14.75 16.26 -6.71
N PHE B 355 -15.68 17.13 -7.09
CA PHE B 355 -17.09 16.78 -7.17
C PHE B 355 -17.44 16.03 -8.47
N HIS B 356 -18.43 15.15 -8.39
CA HIS B 356 -19.09 14.67 -9.59
C HIS B 356 -19.81 15.85 -10.27
N PRO B 357 -19.60 16.05 -11.57
CA PRO B 357 -20.31 17.14 -12.26
C PRO B 357 -21.82 16.96 -12.25
N VAL B 358 -22.56 18.05 -12.06
CA VAL B 358 -24.03 18.00 -12.02
C VAL B 358 -24.67 18.97 -13.01
N GLU C 24 22.73 12.89 12.37
CA GLU C 24 21.81 14.04 12.07
C GLU C 24 21.47 14.14 10.57
N VAL C 25 22.21 13.44 9.72
CA VAL C 25 21.90 13.36 8.29
C VAL C 25 20.54 12.69 8.00
N ASN C 26 20.00 11.98 9.00
CA ASN C 26 18.67 11.35 8.87
C ASN C 26 17.52 12.29 9.25
N SER C 27 17.86 13.54 9.55
CA SER C 27 16.88 14.55 9.92
C SER C 27 16.50 15.36 8.68
N CYS C 28 15.21 15.65 8.53
CA CYS C 28 14.73 16.53 7.47
C CYS C 28 15.30 17.94 7.58
N ASP C 29 15.67 18.35 8.80
CA ASP C 29 16.22 19.68 9.05
C ASP C 29 17.71 19.78 8.74
N TYR C 30 18.35 18.66 8.43
CA TYR C 30 19.75 18.68 8.04
C TYR C 30 19.95 19.64 6.86
N TRP C 31 21.04 20.41 6.89
CA TRP C 31 21.15 21.58 6.02
C TRP C 31 21.07 21.23 4.53
N ARG C 32 21.60 20.07 4.15
CA ARG C 32 21.67 19.65 2.75
C ARG C 32 20.31 19.26 2.18
N HIS C 33 19.34 19.01 3.06
CA HIS C 33 18.09 18.40 2.65
C HIS C 33 16.99 19.45 2.40
N CYS C 34 17.40 20.67 2.07
CA CYS C 34 16.49 21.82 2.12
C CYS C 34 15.40 21.82 1.04
N ALA C 35 15.57 21.02 -0.01
CA ALA C 35 14.51 20.83 -1.00
C ALA C 35 14.20 19.34 -1.30
N VAL C 36 14.26 18.50 -0.27
CA VAL C 36 13.90 17.09 -0.42
C VAL C 36 12.40 16.91 -0.26
N ASP C 37 11.81 16.29 -1.28
CA ASP C 37 10.46 15.74 -1.19
C ASP C 37 10.63 14.25 -1.46
N GLY C 38 10.58 13.46 -0.39
CA GLY C 38 10.71 12.02 -0.51
C GLY C 38 11.35 11.46 0.74
N PHE C 39 11.76 10.19 0.66
CA PHE C 39 12.35 9.46 1.78
C PHE C 39 13.85 9.58 1.71
N LEU C 40 14.50 9.89 2.83
CA LEU C 40 15.96 10.04 2.81
C LEU C 40 16.61 8.69 2.62
N CYS C 41 17.42 8.56 1.58
CA CYS C 41 18.10 7.31 1.26
C CYS C 41 19.02 6.83 2.40
N SER C 42 19.52 7.77 3.18
CA SER C 42 20.34 7.44 4.36
C SER C 42 19.58 6.65 5.42
N CYS C 43 18.24 6.73 5.40
CA CYS C 43 17.39 5.95 6.28
C CYS C 43 16.91 4.64 5.66
N CYS C 44 17.33 4.39 4.43
CA CYS C 44 16.78 3.34 3.59
C CYS C 44 17.82 2.29 3.20
N GLY C 45 18.91 2.23 3.95
CA GLY C 45 19.98 1.27 3.63
C GLY C 45 21.07 1.83 2.71
N GLY C 46 20.95 3.12 2.36
CA GLY C 46 21.96 3.80 1.57
C GLY C 46 22.61 4.91 2.39
N THR C 47 23.17 5.88 1.68
CA THR C 47 23.71 7.10 2.30
C THR C 47 23.23 8.30 1.50
N THR C 48 23.68 9.49 1.87
CA THR C 48 23.30 10.69 1.10
C THR C 48 23.78 10.65 -0.34
N THR C 49 24.79 9.83 -0.63
CA THR C 49 25.39 9.76 -1.97
C THR C 49 25.48 8.33 -2.52
N THR C 50 24.77 7.38 -1.91
CA THR C 50 24.70 6.03 -2.45
C THR C 50 23.28 5.52 -2.36
N CYS C 51 22.82 4.93 -3.45
CA CYS C 51 21.50 4.30 -3.45
C CYS C 51 21.52 3.05 -2.57
N PRO C 52 20.41 2.75 -1.91
CA PRO C 52 20.28 1.45 -1.26
C PRO C 52 20.50 0.31 -2.25
N PRO C 53 20.99 -0.84 -1.80
CA PRO C 53 21.24 -1.95 -2.69
C PRO C 53 20.03 -2.28 -3.54
N GLY C 54 20.23 -2.43 -4.84
CA GLY C 54 19.18 -2.84 -5.76
C GLY C 54 18.30 -1.71 -6.24
N SER C 55 18.64 -0.48 -5.87
CA SER C 55 17.98 0.69 -6.45
C SER C 55 18.94 1.49 -7.33
N THR C 56 18.39 2.09 -8.37
CA THR C 56 19.17 2.69 -9.44
C THR C 56 19.11 4.22 -9.35
N PRO C 57 20.25 4.90 -9.43
CA PRO C 57 20.26 6.36 -9.38
C PRO C 57 19.55 6.97 -10.60
N SER C 58 18.87 8.09 -10.40
CA SER C 58 18.32 8.83 -11.53
C SER C 58 19.42 9.67 -12.19
N PRO C 59 19.45 9.70 -13.53
CA PRO C 59 20.42 10.51 -14.26
C PRO C 59 20.02 11.98 -14.29
N ILE C 60 18.80 12.26 -13.87
CA ILE C 60 18.27 13.62 -13.84
C ILE C 60 17.80 13.92 -12.44
N SER C 61 17.57 15.19 -12.13
CA SER C 61 17.23 15.60 -10.78
C SER C 61 16.69 17.00 -10.74
N TQQ C 62 16.04 17.31 -9.62
CA TQQ C 62 15.84 18.69 -9.25
C TQQ C 62 17.05 19.17 -8.48
O TQQ C 62 17.79 18.39 -7.91
CB TQQ C 62 14.52 18.92 -8.52
CG TQQ C 62 14.28 18.22 -7.21
CD1 TQQ C 62 14.55 18.72 -5.97
CD2 TQQ C 62 13.66 16.93 -6.98
NE1 TQQ C 62 14.16 17.83 -5.00
CE2 TQQ C 62 13.62 16.73 -5.59
CE3 TQQ C 62 13.15 15.91 -7.81
CZ2 TQQ C 62 13.09 15.59 -5.00
CZ3 TQQ C 62 12.62 14.74 -7.19
CH2 TQQ C 62 12.60 14.60 -5.81
O2 TQQ C 62 13.09 15.53 -3.58
N2 TQQ C 62 12.04 13.39 -5.19
N ILE C 63 17.26 20.48 -8.53
CA ILE C 63 18.41 21.09 -7.89
C ILE C 63 17.95 22.11 -6.86
N GLY C 64 18.69 22.18 -5.77
CA GLY C 64 18.36 23.10 -4.70
C GLY C 64 19.57 23.91 -4.32
N THR C 65 19.32 25.02 -3.66
CA THR C 65 20.38 25.85 -3.12
C THR C 65 20.17 25.87 -1.62
N CYS C 66 21.15 25.36 -0.87
CA CYS C 66 21.02 25.22 0.58
C CYS C 66 22.17 25.92 1.30
N HIS C 67 21.83 26.60 2.38
CA HIS C 67 22.82 27.33 3.18
C HIS C 67 23.44 26.39 4.20
N ASN C 68 24.76 26.34 4.22
CA ASN C 68 25.49 25.53 5.19
C ASN C 68 25.82 26.38 6.42
N PRO C 69 25.20 26.08 7.56
CA PRO C 69 25.38 26.91 8.75
C PRO C 69 26.70 26.61 9.49
N HIS C 70 27.40 25.55 9.09
CA HIS C 70 28.68 25.22 9.70
C HIS C 70 29.79 26.11 9.15
N ASP C 71 29.79 26.36 7.85
CA ASP C 71 30.81 27.21 7.22
C ASP C 71 30.25 28.52 6.66
N GLY C 72 28.95 28.74 6.82
CA GLY C 72 28.32 29.99 6.38
C GLY C 72 28.16 30.15 4.87
N LYS C 73 28.42 29.08 4.11
CA LYS C 73 28.39 29.15 2.65
C LYS C 73 27.14 28.47 2.05
N ASP C 74 26.74 28.93 0.87
CA ASP C 74 25.60 28.37 0.14
C ASP C 74 26.10 27.36 -0.89
N TYR C 75 25.38 26.25 -1.02
CA TYR C 75 25.78 25.18 -1.93
C TYR C 75 24.64 24.74 -2.83
N LEU C 76 25.01 24.37 -4.06
CA LEU C 76 24.10 23.69 -4.96
C LEU C 76 24.04 22.21 -4.61
N ILE C 77 22.82 21.71 -4.40
CA ILE C 77 22.56 20.31 -4.11
C ILE C 77 21.71 19.73 -5.23
N SER C 78 22.13 18.57 -5.74
CA SER C 78 21.38 17.85 -6.76
C SER C 78 20.58 16.72 -6.09
N TYR C 79 19.25 16.76 -6.24
CA TYR C 79 18.39 15.80 -5.59
C TYR C 79 18.02 14.67 -6.53
N HIS C 80 18.94 13.72 -6.70
CA HIS C 80 18.68 12.55 -7.47
C HIS C 80 17.84 11.58 -6.67
N ASP C 81 16.95 10.88 -7.35
CA ASP C 81 16.19 9.83 -6.74
C ASP C 81 16.87 8.51 -6.97
N CYS C 82 16.55 7.54 -6.12
CA CYS C 82 16.90 6.15 -6.36
C CYS C 82 15.63 5.40 -6.72
N CYS C 83 15.74 4.54 -7.71
CA CYS C 83 14.61 4.09 -8.51
C CYS C 83 14.57 2.57 -8.66
N GLY C 84 13.40 2.05 -9.04
CA GLY C 84 13.26 0.63 -9.38
C GLY C 84 13.01 -0.29 -8.21
N LYS C 85 12.72 0.29 -7.05
CA LYS C 85 12.18 -0.45 -5.91
C LYS C 85 11.05 0.37 -5.34
N THR C 86 10.10 -0.31 -4.71
CA THR C 86 8.95 0.37 -4.11
C THR C 86 9.36 1.24 -2.92
N ALA C 87 8.44 2.13 -2.53
CA ALA C 87 8.70 3.17 -1.53
C ALA C 87 9.40 2.66 -0.28
N CYS C 88 10.50 3.31 0.08
CA CYS C 88 11.22 2.98 1.29
C CYS C 88 10.38 3.16 2.55
N GLY C 89 9.63 4.26 2.62
CA GLY C 89 8.73 4.49 3.73
C GLY C 89 9.34 5.15 4.96
N ARG C 90 10.65 5.40 4.95
CA ARG C 90 11.33 5.91 6.13
C ARG C 90 11.85 7.32 5.91
N CYS C 91 11.77 8.14 6.95
CA CYS C 91 12.33 9.50 6.93
C CYS C 91 11.80 10.30 5.75
N GLN C 92 10.48 10.39 5.66
CA GLN C 92 9.85 11.21 4.63
C GLN C 92 10.07 12.68 4.97
N CYS C 93 10.54 13.42 3.98
CA CYS C 93 10.74 14.85 4.11
C CYS C 93 9.95 15.58 3.03
N ASN C 94 9.57 16.83 3.35
CA ASN C 94 8.88 17.70 2.40
C ASN C 94 9.38 19.13 2.55
N THR C 95 10.67 19.32 2.35
CA THR C 95 11.27 20.65 2.51
C THR C 95 11.33 21.38 1.16
N GLN C 96 11.15 22.70 1.20
CA GLN C 96 10.81 23.48 0.03
C GLN C 96 11.59 24.78 -0.13
N THR C 97 12.73 24.91 0.52
CA THR C 97 13.58 26.09 0.33
C THR C 97 13.97 26.33 -1.14
N ARG C 98 13.56 27.49 -1.68
CA ARG C 98 13.86 27.90 -3.06
C ARG C 98 13.22 27.01 -4.16
N GLU C 99 12.32 26.12 -3.75
CA GLU C 99 11.62 25.23 -4.71
C GLU C 99 10.58 26.05 -5.46
N ARG C 100 10.43 25.76 -6.74
CA ARG C 100 9.52 26.51 -7.59
C ARG C 100 8.66 25.55 -8.40
N PRO C 101 7.55 26.05 -8.93
CA PRO C 101 6.61 25.18 -9.66
C PRO C 101 7.17 24.65 -10.98
N GLY C 102 6.40 23.83 -11.66
CA GLY C 102 6.86 23.10 -12.82
C GLY C 102 7.25 23.92 -14.04
N TYR C 103 6.86 25.20 -14.09
CA TYR C 103 7.34 26.10 -15.16
C TYR C 103 8.79 26.57 -14.94
N GLU C 104 9.36 26.22 -13.78
CA GLU C 104 10.82 26.21 -13.56
C GLU C 104 11.24 24.77 -13.22
N PHE C 105 11.26 23.91 -14.23
CA PHE C 105 11.08 22.47 -13.99
C PHE C 105 12.18 21.83 -13.14
N PHE C 106 13.42 22.23 -13.37
CA PHE C 106 14.52 21.61 -12.61
C PHE C 106 14.71 22.15 -11.19
N LEU C 107 13.88 23.13 -10.80
CA LEU C 107 13.79 23.57 -9.42
C LEU C 107 12.58 22.98 -8.68
N HIS C 108 11.84 22.09 -9.35
CA HIS C 108 10.55 21.60 -8.87
C HIS C 108 10.67 20.18 -8.28
N ASN C 109 10.05 19.96 -7.10
CA ASN C 109 10.18 18.66 -6.41
C ASN C 109 8.86 17.93 -6.16
N ASP C 110 7.78 18.33 -6.85
CA ASP C 110 6.49 17.61 -6.79
C ASP C 110 6.35 16.64 -7.97
N VAL C 111 7.45 16.38 -8.65
CA VAL C 111 7.50 15.35 -9.66
C VAL C 111 8.52 14.27 -9.32
N ASN C 112 8.33 13.11 -9.91
CA ASN C 112 9.18 11.94 -9.70
C ASN C 112 10.46 12.05 -10.55
N TRP C 113 11.60 12.33 -9.93
CA TRP C 113 12.83 12.46 -10.73
C TRP C 113 13.40 11.10 -11.22
N CYS C 114 12.71 10.01 -10.85
CA CYS C 114 12.84 8.69 -11.52
C CYS C 114 12.13 8.57 -12.87
N MET C 115 11.47 9.63 -13.34
CA MET C 115 10.54 9.55 -14.46
C MET C 115 11.14 9.01 -15.75
N ALA C 116 12.47 9.13 -15.90
CA ALA C 116 13.15 8.67 -17.11
C ALA C 116 13.97 7.40 -16.89
N ASN C 117 13.94 6.84 -15.69
CA ASN C 117 14.68 5.61 -15.41
C ASN C 117 14.07 4.38 -16.12
N GLU C 118 14.87 3.32 -16.22
CA GLU C 118 14.44 2.04 -16.78
C GLU C 118 13.18 1.55 -16.09
N ASN C 119 13.17 1.67 -14.75
CA ASN C 119 11.97 1.55 -13.96
C ASN C 119 11.77 2.78 -13.10
N SER C 120 10.59 3.40 -13.26
CA SER C 120 10.32 4.69 -12.65
C SER C 120 9.76 4.61 -11.23
N THR C 121 9.62 3.41 -10.67
CA THR C 121 9.12 3.31 -9.29
C THR C 121 10.06 4.05 -8.35
N PHE C 122 9.52 4.93 -7.53
CA PHE C 122 10.31 5.77 -6.65
C PHE C 122 10.64 5.06 -5.35
N HIS C 123 11.94 4.98 -5.03
CA HIS C 123 12.38 4.32 -3.79
C HIS C 123 12.72 5.32 -2.66
N CYS C 124 13.65 6.24 -2.95
CA CYS C 124 14.11 7.23 -1.98
C CYS C 124 14.83 8.36 -2.70
N THR C 125 15.14 9.43 -1.95
CA THR C 125 15.80 10.62 -2.50
C THR C 125 17.15 10.83 -1.84
N THR C 126 18.13 11.21 -2.66
CA THR C 126 19.47 11.56 -2.19
C THR C 126 19.65 13.09 -2.20
N SER C 127 20.70 13.56 -1.52
CA SER C 127 21.06 14.98 -1.52
C SER C 127 22.57 15.08 -1.81
N VAL C 128 22.90 15.30 -3.09
CA VAL C 128 24.29 15.21 -3.60
C VAL C 128 24.90 16.60 -3.77
N LEU C 129 26.03 16.82 -3.09
CA LEU C 129 26.70 18.13 -3.09
C LEU C 129 27.41 18.35 -4.42
N VAL C 130 27.01 19.41 -5.14
CA VAL C 130 27.57 19.74 -6.45
C VAL C 130 28.73 20.72 -6.29
N GLY C 131 28.52 21.74 -5.48
CA GLY C 131 29.53 22.79 -5.25
C GLY C 131 28.88 24.06 -4.75
N LEU C 132 29.67 25.14 -4.69
CA LEU C 132 29.19 26.44 -4.26
C LEU C 132 28.20 27.07 -5.25
N ALA C 133 27.31 27.84 -4.88
N HIS D 12 -34.85 -12.13 14.34
CA HIS D 12 -35.79 -11.60 13.29
C HIS D 12 -35.13 -10.48 12.47
N ILE D 13 -35.06 -9.26 13.03
CA ILE D 13 -34.18 -8.22 12.50
C ILE D 13 -32.74 -8.70 12.62
N SER D 14 -32.47 -9.47 13.67
CA SER D 14 -31.12 -9.97 13.92
C SER D 14 -30.66 -10.92 12.83
N LEU D 15 -31.58 -11.42 12.01
CA LEU D 15 -31.23 -12.33 10.93
C LEU D 15 -30.99 -11.66 9.58
N ASN D 16 -31.31 -10.39 9.46
CA ASN D 16 -31.12 -9.68 8.18
C ASN D 16 -30.49 -8.34 8.43
N PRO D 17 -29.20 -8.20 8.10
CA PRO D 17 -28.46 -7.00 8.41
C PRO D 17 -28.95 -5.78 7.62
N ASP D 18 -29.66 -6.01 6.52
CA ASP D 18 -30.24 -4.91 5.76
C ASP D 18 -31.25 -4.15 6.62
N LEU D 19 -31.75 -4.77 7.69
CA LEU D 19 -32.83 -4.15 8.49
C LEU D 19 -32.32 -3.52 9.76
N ALA D 20 -31.02 -3.63 9.99
CA ALA D 20 -30.40 -3.28 11.24
C ALA D 20 -29.65 -1.96 11.13
N ASN D 21 -29.28 -1.40 12.28
CA ASN D 21 -28.45 -0.21 12.33
C ASN D 21 -27.10 -0.46 11.69
N GLU D 22 -26.67 0.44 10.81
CA GLU D 22 -25.39 0.31 10.12
C GLU D 22 -24.23 0.14 11.11
N ASP D 23 -24.28 0.86 12.22
CA ASP D 23 -23.17 0.83 13.19
C ASP D 23 -23.07 -0.53 13.88
N GLU D 24 -24.20 -1.22 14.02
CA GLU D 24 -24.21 -2.56 14.60
C GLU D 24 -23.63 -3.56 13.62
N VAL D 25 -24.04 -3.45 12.36
CA VAL D 25 -23.65 -4.42 11.33
C VAL D 25 -22.19 -4.26 10.94
N ASN D 26 -21.71 -3.02 10.96
CA ASN D 26 -20.37 -2.69 10.52
C ASN D 26 -19.36 -2.82 11.65
N SER D 27 -19.53 -3.84 12.47
CA SER D 27 -18.70 -4.05 13.64
C SER D 27 -18.24 -5.47 13.65
N CYS D 28 -16.99 -5.68 14.02
CA CYS D 28 -16.48 -7.04 14.15
C CYS D 28 -17.22 -7.87 15.20
N ASP D 29 -17.93 -7.19 16.12
CA ASP D 29 -18.69 -7.84 17.17
C ASP D 29 -20.08 -8.30 16.72
N TYR D 30 -20.52 -7.90 15.53
CA TYR D 30 -21.83 -8.32 15.02
C TYR D 30 -21.81 -9.84 14.97
N TRP D 31 -22.90 -10.46 15.40
CA TRP D 31 -22.86 -11.89 15.76
C TRP D 31 -22.44 -12.80 14.63
N ARG D 32 -22.85 -12.48 13.40
CA ARG D 32 -22.54 -13.36 12.28
C ARG D 32 -21.13 -13.18 11.71
N HIS D 33 -20.39 -12.16 12.18
CA HIS D 33 -19.02 -11.92 11.71
C HIS D 33 -17.98 -12.65 12.56
N CYS D 34 -18.27 -13.88 12.94
CA CYS D 34 -17.52 -14.53 14.03
C CYS D 34 -16.23 -15.25 13.60
N ALA D 35 -16.03 -15.43 12.29
CA ALA D 35 -14.75 -15.93 11.75
C ALA D 35 -14.35 -15.14 10.49
N VAL D 36 -14.43 -13.82 10.58
CA VAL D 36 -14.03 -12.92 9.50
C VAL D 36 -12.58 -12.49 9.63
N ASP D 37 -11.83 -12.69 8.54
CA ASP D 37 -10.47 -12.16 8.38
C ASP D 37 -10.49 -11.25 7.16
N GLY D 38 -10.53 -9.94 7.39
CA GLY D 38 -10.49 -8.97 6.32
C GLY D 38 -11.42 -7.81 6.54
N PHE D 39 -11.62 -7.00 5.49
CA PHE D 39 -12.37 -5.75 5.58
C PHE D 39 -13.83 -6.02 5.28
N LEU D 40 -14.74 -5.59 6.15
CA LEU D 40 -16.18 -5.84 5.92
C LEU D 40 -16.68 -5.12 4.67
N CYS D 41 -17.26 -5.86 3.74
CA CYS D 41 -17.78 -5.26 2.51
C CYS D 41 -18.85 -4.19 2.74
N SER D 42 -19.62 -4.34 3.82
CA SER D 42 -20.65 -3.36 4.17
C SER D 42 -20.08 -1.99 4.55
N CYS D 43 -18.77 -1.94 4.80
CA CYS D 43 -18.06 -0.70 5.04
C CYS D 43 -17.36 -0.16 3.80
N CYS D 44 -17.46 -0.91 2.71
CA CYS D 44 -16.63 -0.67 1.54
C CYS D 44 -17.47 -0.30 0.32
N GLY D 45 -18.67 0.21 0.56
CA GLY D 45 -19.55 0.53 -0.55
C GLY D 45 -20.52 -0.57 -0.95
N GLY D 46 -20.48 -1.72 -0.27
CA GLY D 46 -21.43 -2.78 -0.53
C GLY D 46 -22.36 -2.97 0.65
N THR D 47 -22.98 -4.14 0.73
CA THR D 47 -23.71 -4.53 1.91
C THR D 47 -23.22 -5.91 2.31
N THR D 48 -23.80 -6.44 3.37
CA THR D 48 -23.37 -7.75 3.86
C THR D 48 -23.48 -8.83 2.78
N THR D 49 -24.44 -8.68 1.86
CA THR D 49 -24.67 -9.67 0.80
C THR D 49 -24.53 -9.12 -0.62
N THR D 50 -23.93 -7.92 -0.77
CA THR D 50 -23.59 -7.41 -2.10
C THR D 50 -22.18 -6.83 -2.13
N CYS D 51 -21.43 -7.21 -3.15
CA CYS D 51 -20.07 -6.74 -3.32
C CYS D 51 -20.11 -5.24 -3.68
N PRO D 52 -19.11 -4.49 -3.24
CA PRO D 52 -18.99 -3.10 -3.71
C PRO D 52 -18.89 -3.08 -5.22
N PRO D 53 -19.31 -1.98 -5.83
CA PRO D 53 -19.32 -1.92 -7.27
C PRO D 53 -17.95 -2.25 -7.84
N GLY D 54 -17.93 -3.10 -8.85
CA GLY D 54 -16.68 -3.41 -9.56
C GLY D 54 -15.83 -4.47 -8.89
N SER D 55 -16.35 -5.09 -7.86
CA SER D 55 -15.71 -6.27 -7.26
C SER D 55 -16.61 -7.50 -7.39
N THR D 56 -15.99 -8.68 -7.45
CA THR D 56 -16.66 -9.91 -7.87
C THR D 56 -16.72 -10.90 -6.73
N PRO D 57 -17.85 -11.54 -6.49
CA PRO D 57 -17.96 -12.52 -5.42
C PRO D 57 -17.06 -13.71 -5.62
N SER D 58 -16.52 -14.26 -4.53
CA SER D 58 -15.78 -15.52 -4.63
C SER D 58 -16.78 -16.68 -4.76
N PRO D 59 -16.50 -17.63 -5.66
CA PRO D 59 -17.37 -18.79 -5.81
C PRO D 59 -17.15 -19.81 -4.68
N ILE D 60 -16.04 -19.65 -3.97
CA ILE D 60 -15.65 -20.51 -2.86
C ILE D 60 -15.49 -19.63 -1.60
N SER D 61 -15.40 -20.26 -0.44
CA SER D 61 -15.33 -19.54 0.80
C SER D 61 -14.89 -20.46 1.93
N TQQ D 62 -14.47 -19.85 3.03
CA TQQ D 62 -14.42 -20.58 4.28
C TQQ D 62 -15.81 -20.50 4.96
O TQQ D 62 -16.65 -19.65 4.60
CB TQQ D 62 -13.23 -20.12 5.17
CG TQQ D 62 -13.25 -18.69 5.61
CD1 TQQ D 62 -13.81 -18.22 6.74
CD2 TQQ D 62 -12.67 -17.54 4.93
NE1 TQQ D 62 -13.64 -16.86 6.83
CE2 TQQ D 62 -12.93 -16.43 5.75
CE3 TQQ D 62 -11.96 -17.34 3.75
CZ2 TQQ D 62 -12.53 -15.15 5.41
CZ3 TQQ D 62 -11.53 -16.02 3.42
CH2 TQQ D 62 -11.85 -14.95 4.27
O2 TQQ D 62 -12.89 -14.05 6.28
N2 TQQ D 62 -11.40 -13.58 3.95
N ILE D 63 -16.06 -21.43 5.86
CA ILE D 63 -17.39 -21.58 6.46
C ILE D 63 -17.29 -21.83 7.95
N GLY D 64 -18.40 -21.69 8.63
CA GLY D 64 -18.47 -22.04 10.04
C GLY D 64 -19.79 -21.64 10.63
N THR D 65 -19.94 -21.86 11.94
CA THR D 65 -21.19 -21.53 12.60
C THR D 65 -20.96 -20.39 13.56
N CYS D 66 -21.99 -19.57 13.73
CA CYS D 66 -21.98 -18.46 14.68
C CYS D 66 -23.23 -18.54 15.53
N HIS D 67 -23.09 -18.21 16.81
CA HIS D 67 -24.22 -18.20 17.73
C HIS D 67 -24.92 -16.84 17.66
N ASN D 68 -26.23 -16.85 17.50
CA ASN D 68 -27.00 -15.62 17.53
C ASN D 68 -27.55 -15.41 18.94
N PRO D 69 -27.03 -14.41 19.64
CA PRO D 69 -27.43 -14.15 21.02
C PRO D 69 -28.83 -13.61 21.13
N HIS D 70 -29.39 -13.13 20.03
CA HIS D 70 -30.70 -12.51 20.05
C HIS D 70 -31.79 -13.58 20.13
N ASP D 71 -31.69 -14.62 19.30
CA ASP D 71 -32.70 -15.69 19.30
C ASP D 71 -32.17 -17.00 19.90
N GLY D 72 -30.92 -17.00 20.33
CA GLY D 72 -30.32 -18.14 21.03
C GLY D 72 -29.98 -19.33 20.15
N LYS D 73 -29.96 -19.13 18.83
CA LYS D 73 -29.73 -20.22 17.90
C LYS D 73 -28.36 -20.09 17.20
N ASP D 74 -27.90 -21.19 16.62
CA ASP D 74 -26.62 -21.25 15.90
C ASP D 74 -26.90 -21.35 14.41
N TYR D 75 -26.11 -20.63 13.63
CA TYR D 75 -26.32 -20.52 12.22
C TYR D 75 -25.03 -20.81 11.46
N LEU D 76 -25.19 -21.49 10.33
CA LEU D 76 -24.13 -21.74 9.38
C LEU D 76 -23.90 -20.48 8.52
N ILE D 77 -22.64 -20.03 8.47
CA ILE D 77 -22.23 -18.84 7.75
C ILE D 77 -21.22 -19.23 6.69
N SER D 78 -21.32 -18.62 5.51
CA SER D 78 -20.32 -18.78 4.47
C SER D 78 -19.60 -17.47 4.26
N TYR D 79 -18.29 -17.50 4.41
CA TYR D 79 -17.51 -16.29 4.43
C TYR D 79 -16.87 -16.02 3.06
N HIS D 80 -17.63 -15.44 2.17
CA HIS D 80 -17.16 -15.11 0.84
C HIS D 80 -16.35 -13.82 0.85
N ASP D 81 -15.43 -13.72 -0.11
CA ASP D 81 -14.71 -12.49 -0.39
C ASP D 81 -15.31 -11.83 -1.63
N CYS D 82 -15.05 -10.53 -1.77
CA CYS D 82 -15.19 -9.81 -3.02
C CYS D 82 -13.81 -9.46 -3.56
N CYS D 83 -13.65 -9.58 -4.87
CA CYS D 83 -12.37 -9.78 -5.50
C CYS D 83 -12.17 -8.87 -6.72
N GLY D 84 -10.91 -8.64 -7.08
CA GLY D 84 -10.59 -7.96 -8.32
C GLY D 84 -10.47 -6.44 -8.20
N LYS D 85 -10.35 -5.98 -6.96
CA LYS D 85 -10.03 -4.57 -6.65
C LYS D 85 -9.08 -4.61 -5.46
N THR D 86 -8.25 -3.58 -5.31
CA THR D 86 -7.28 -3.54 -4.24
C THR D 86 -7.96 -3.32 -2.90
N ALA D 87 -7.21 -3.54 -1.84
CA ALA D 87 -7.75 -3.62 -0.50
C ALA D 87 -8.62 -2.44 -0.14
N CYS D 88 -9.81 -2.70 0.35
CA CYS D 88 -10.71 -1.64 0.80
C CYS D 88 -10.15 -0.84 1.97
N GLY D 89 -9.58 -1.53 2.95
CA GLY D 89 -8.92 -0.89 4.07
C GLY D 89 -9.80 -0.47 5.23
N ARG D 90 -11.11 -0.67 5.14
CA ARG D 90 -12.03 -0.20 6.16
C ARG D 90 -12.64 -1.37 6.93
N CYS D 91 -12.88 -1.16 8.24
CA CYS D 91 -13.51 -2.16 9.08
C CYS D 91 -12.78 -3.52 8.99
N GLN D 92 -11.47 -3.52 9.25
CA GLN D 92 -10.74 -4.76 9.29
C GLN D 92 -11.13 -5.59 10.52
N CYS D 93 -11.42 -6.86 10.29
CA CYS D 93 -11.76 -7.82 11.35
C CYS D 93 -10.80 -9.00 11.29
N ASN D 94 -10.60 -9.64 12.45
CA ASN D 94 -9.82 -10.86 12.54
C ASN D 94 -10.37 -11.83 13.59
N THR D 95 -11.66 -12.16 13.44
CA THR D 95 -12.33 -13.03 14.41
C THR D 95 -12.15 -14.45 13.96
N GLN D 96 -12.20 -15.36 14.93
CA GLN D 96 -11.65 -16.69 14.77
C GLN D 96 -12.49 -17.78 15.42
N THR D 97 -13.75 -17.51 15.75
CA THR D 97 -14.59 -18.52 16.36
C THR D 97 -14.73 -19.72 15.44
N ARG D 98 -14.35 -20.88 15.97
CA ARG D 98 -14.45 -22.16 15.27
C ARG D 98 -13.55 -22.29 14.04
N GLU D 99 -12.66 -21.31 13.86
CA GLU D 99 -11.73 -21.34 12.76
C GLU D 99 -10.63 -22.36 13.01
N ARG D 100 -10.18 -23.03 11.97
CA ARG D 100 -9.21 -24.11 12.12
C ARG D 100 -8.14 -23.99 11.05
N PRO D 101 -6.98 -24.64 11.23
CA PRO D 101 -5.89 -24.50 10.29
C PRO D 101 -6.14 -25.17 8.95
N GLY D 102 -5.18 -25.00 8.04
CA GLY D 102 -5.34 -25.38 6.64
C GLY D 102 -5.56 -26.84 6.39
N TYR D 103 -5.24 -27.71 7.36
CA TYR D 103 -5.57 -29.14 7.21
C TYR D 103 -7.08 -29.42 7.41
N GLU D 104 -7.84 -28.39 7.78
CA GLU D 104 -9.29 -28.37 7.69
C GLU D 104 -9.65 -27.18 6.80
N PHE D 105 -9.38 -27.32 5.52
CA PHE D 105 -9.13 -26.16 4.65
C PHE D 105 -10.31 -25.20 4.54
N PHE D 106 -11.52 -25.71 4.46
CA PHE D 106 -12.68 -24.82 4.30
C PHE D 106 -13.18 -24.20 5.61
N LEU D 107 -12.51 -24.51 6.72
CA LEU D 107 -12.78 -23.84 7.99
C LEU D 107 -11.70 -22.79 8.28
N HIS D 108 -10.81 -22.56 7.32
CA HIS D 108 -9.58 -21.80 7.53
C HIS D 108 -9.65 -20.40 6.92
N ASN D 109 -9.27 -19.37 7.71
CA ASN D 109 -9.42 -17.99 7.21
C ASN D 109 -8.12 -17.18 7.06
N ASP D 110 -6.96 -17.84 7.04
CA ASP D 110 -5.66 -17.19 6.80
C ASP D 110 -5.22 -17.35 5.34
N VAL D 111 -6.17 -17.71 4.49
CA VAL D 111 -5.94 -17.77 3.07
C VAL D 111 -6.92 -16.87 2.35
N ASN D 112 -6.57 -16.52 1.14
CA ASN D 112 -7.36 -15.64 0.29
C ASN D 112 -8.47 -16.43 -0.38
N TRP D 113 -9.71 -16.20 0.00
CA TRP D 113 -10.78 -16.98 -0.63
C TRP D 113 -11.17 -16.43 -2.03
N CYS D 114 -10.47 -15.35 -2.45
CA CYS D 114 -10.43 -14.94 -3.86
C CYS D 114 -9.50 -15.78 -4.71
N MET D 115 -8.86 -16.80 -4.13
CA MET D 115 -7.74 -17.50 -4.81
C MET D 115 -8.07 -18.08 -6.20
N ALA D 116 -9.33 -18.38 -6.45
CA ALA D 116 -9.75 -19.02 -7.73
C ALA D 116 -10.51 -18.05 -8.63
N ASN D 117 -10.60 -16.79 -8.24
CA ASN D 117 -11.28 -15.79 -9.06
C ASN D 117 -10.48 -15.40 -10.30
N GLU D 118 -11.17 -14.83 -11.27
CA GLU D 118 -10.55 -14.29 -12.47
C GLU D 118 -9.41 -13.35 -12.12
N ASN D 119 -9.63 -12.50 -11.13
CA ASN D 119 -8.56 -11.72 -10.53
C ASN D 119 -8.62 -11.89 -9.03
N SER D 120 -7.52 -12.40 -8.48
CA SER D 120 -7.47 -12.83 -7.10
C SER D 120 -7.17 -11.71 -6.10
N THR D 121 -7.04 -10.47 -6.56
CA THR D 121 -6.77 -9.37 -5.65
C THR D 121 -7.94 -9.27 -4.66
N PHE D 122 -7.60 -9.27 -3.38
CA PHE D 122 -8.58 -9.28 -2.31
C PHE D 122 -9.08 -7.87 -2.02
N HIS D 123 -10.39 -7.66 -2.12
CA HIS D 123 -10.97 -6.32 -1.88
C HIS D 123 -11.60 -6.20 -0.52
N CYS D 124 -12.50 -7.13 -0.19
CA CYS D 124 -13.22 -7.13 1.10
C CYS D 124 -13.84 -8.50 1.35
N THR D 125 -14.40 -8.71 2.54
CA THR D 125 -14.97 -9.99 2.90
C THR D 125 -16.30 -9.78 3.59
N THR D 126 -17.07 -10.85 3.71
CA THR D 126 -18.36 -10.74 4.35
C THR D 126 -18.85 -12.09 4.83
N SER D 127 -20.06 -12.10 5.38
CA SER D 127 -20.60 -13.21 6.11
C SER D 127 -22.00 -13.46 5.58
N VAL D 128 -22.14 -14.54 4.83
CA VAL D 128 -23.41 -14.86 4.15
C VAL D 128 -24.15 -15.94 4.95
N LEU D 129 -25.41 -15.68 5.26
CA LEU D 129 -26.19 -16.58 6.11
C LEU D 129 -26.69 -17.74 5.28
N VAL D 130 -26.24 -18.96 5.61
CA VAL D 130 -26.72 -20.15 4.90
C VAL D 130 -28.04 -20.68 5.49
N GLY D 131 -28.04 -20.90 6.79
CA GLY D 131 -29.25 -21.28 7.52
C GLY D 131 -28.90 -21.81 8.90
N LEU D 132 -29.87 -22.43 9.57
CA LEU D 132 -29.65 -23.03 10.88
C LEU D 132 -28.61 -24.13 10.83
N ALA D 133 -27.73 -24.17 11.83
CA ALA D 133 -26.70 -25.21 11.93
C ALA D 133 -27.31 -26.54 12.34
#